data_6IBO
#
_entry.id   6IBO
#
_cell.length_a   137.737
_cell.length_b   150.617
_cell.length_c   199.996
_cell.angle_alpha   90.00
_cell.angle_beta   90.00
_cell.angle_gamma   90.00
#
_symmetry.space_group_name_H-M   'F 2 2 2'
#
loop_
_entity.id
_entity.type
_entity.pdbx_description
1 polymer 'UDP-N-acetylglucosamine--peptide N-acetylglucosaminyltransferase 110 kDa subunit'
2 polymer ALA-VAL-SER-ARG-ALA
3 non-polymer '(2S,3R,4R,5S,6R)-3-(acetylamino)-4,5-dihydroxy-6-(hydroxymethyl)tetrahydro-2H-thiopyran-2-yl [(2R,3S,4R,5R)-5-(2,4-dioxo-3,4-dihydropyrimidin-1(2H)-yl)-3,4-dihydroxytetrahydrofuran-2-yl]methyl dihydrogen diphosphate'
4 non-polymer 'PHOSPHATE ION'
5 water water
#
loop_
_entity_poly.entity_id
_entity_poly.type
_entity_poly.pdbx_seq_one_letter_code
_entity_poly.pdbx_strand_id
1 'polypeptide(L)'
;GPGSCPTHADSLNNLANIKREQGNIEEAVRLYRKALEVFPEFAAAHSNLASVLQQQGKLQEALMHYKEAIRISPTFADAY
SNMGNTLKEMQDVQGALQCYTRAIQINPAFADAHSNLASIHKDSGNIPEAIASYRTALKLKPDFPDAYCNLAHCLQIVCD
WTDYDERMKKLVSIVADQLEKNRLPSVHPHHSMLYPLSHGFRKAIAERHGNLCLDKINVLHKPPYEHPKDLKLSDGRLRV
GYVSSDFGKHPTSHLMQSIPGMHNPDKFEVFCYALSPDDGTNFRVKVMAEANHFIDLSQIPCNGKAADRIHQDGIHILVN
MNGYTKGARNELFALRPAPIQAMWLGYPGTSGALFMDYIITDQETSPAEVAEQYSEKLAYMPHTFFIGDHANMFPHLKKK
AVIDFKSNGHIYDNRIVLNGIDLKAFLDSLPDVKIVKMKCPDGGDNADSSNTALNMPVIPMNTIAEAVIEMINRGQIQIT
INGFSISNGLATTQINNKAATGEEVPRTIIVTTRSQYGLPEDAIVYCNFNQLYKIDPSTLQMWANILKRVPNSVLWLLRF
PAVGEPNIQQYAQNMGLPQNRIIFSPVAPKEEHVRRGQLADVCLDTPLCNGHTTGMDVLWAGTPMVTMPGETLASRVAAS
QLTCLGCLELIAKNRQEYEDIAVKLGTDLEYLKKVRGKVWKQRISSPLFNTKQYTMELERLYLQMWEHYAAGNKPDHMIK
PVE
;
A
2 'polypeptide(L)' KKVAVSRAA C
#
# COMPACT_ATOMS: atom_id res chain seq x y z
N THR A 7 -28.68 -13.24 39.08
CA THR A 7 -29.07 -13.95 37.84
C THR A 7 -30.02 -13.12 36.94
N HIS A 8 -30.85 -12.24 37.51
CA HIS A 8 -31.51 -11.18 36.69
C HIS A 8 -30.41 -10.40 35.89
N ALA A 9 -29.46 -9.86 36.63
CA ALA A 9 -28.28 -9.17 36.04
C ALA A 9 -27.52 -10.04 35.01
N ASP A 10 -27.14 -11.26 35.42
CA ASP A 10 -26.51 -12.23 34.50
C ASP A 10 -27.27 -12.42 33.21
N SER A 11 -28.62 -12.45 33.28
CA SER A 11 -29.40 -12.83 32.08
C SER A 11 -29.39 -11.68 31.07
N LEU A 12 -29.60 -10.48 31.58
CA LEU A 12 -29.34 -9.23 30.77
C LEU A 12 -27.94 -9.21 30.09
N ASN A 13 -26.89 -9.40 30.89
CA ASN A 13 -25.49 -9.45 30.41
C ASN A 13 -25.23 -10.55 29.35
N ASN A 14 -25.73 -11.77 29.62
CA ASN A 14 -25.59 -12.88 28.64
C ASN A 14 -26.32 -12.56 27.37
N LEU A 15 -27.53 -12.03 27.47
CA LEU A 15 -28.28 -11.58 26.27
C LEU A 15 -27.50 -10.51 25.46
N ALA A 16 -27.05 -9.50 26.21
CA ALA A 16 -26.22 -8.44 25.65
C ALA A 16 -25.00 -9.02 24.99
N ASN A 17 -24.38 -10.01 25.60
CA ASN A 17 -23.20 -10.61 24.96
C ASN A 17 -23.57 -11.22 23.61
N ILE A 18 -24.72 -11.90 23.54
CA ILE A 18 -25.18 -12.53 22.28
C ILE A 18 -25.60 -11.45 21.30
N LYS A 19 -26.35 -10.43 21.76
CA LYS A 19 -26.77 -9.33 20.88
C LYS A 19 -25.57 -8.61 20.24
N ARG A 20 -24.47 -8.56 20.98
CA ARG A 20 -23.21 -8.05 20.45
C ARG A 20 -22.55 -8.96 19.37
N GLU A 21 -22.34 -10.27 19.67
CA GLU A 21 -21.78 -11.22 18.67
C GLU A 21 -22.61 -11.15 17.39
N GLN A 22 -23.93 -10.99 17.54
CA GLN A 22 -24.82 -10.78 16.40
C GLN A 22 -24.64 -9.48 15.56
N GLY A 23 -23.92 -8.49 16.08
CA GLY A 23 -23.84 -7.17 15.45
C GLY A 23 -24.98 -6.21 15.83
N ASN A 24 -25.76 -6.58 16.84
CA ASN A 24 -26.81 -5.69 17.31
C ASN A 24 -26.30 -4.86 18.47
N ILE A 25 -25.62 -3.75 18.13
CA ILE A 25 -24.74 -3.03 19.06
C ILE A 25 -25.56 -2.15 20.00
N GLU A 26 -26.50 -1.40 19.43
CA GLU A 26 -27.47 -0.62 20.22
C GLU A 26 -28.17 -1.44 21.32
N GLU A 27 -28.64 -2.63 20.95
CA GLU A 27 -29.39 -3.45 21.92
C GLU A 27 -28.47 -4.05 23.01
N ALA A 28 -27.29 -4.48 22.61
CA ALA A 28 -26.23 -4.86 23.60
C ALA A 28 -25.95 -3.78 24.67
N VAL A 29 -25.79 -2.54 24.20
CA VAL A 29 -25.53 -1.37 25.09
C VAL A 29 -26.67 -1.22 26.11
N ARG A 30 -27.90 -1.16 25.59
CA ARG A 30 -29.12 -1.03 26.44
C ARG A 30 -29.14 -2.08 27.51
N LEU A 31 -28.75 -3.30 27.11
CA LEU A 31 -28.82 -4.42 28.03
C LEU A 31 -27.73 -4.35 29.10
N TYR A 32 -26.50 -4.04 28.69
CA TYR A 32 -25.41 -3.91 29.71
C TYR A 32 -25.77 -2.80 30.72
N ARG A 33 -26.35 -1.71 30.24
CA ARG A 33 -26.76 -0.59 31.12
C ARG A 33 -27.84 -1.04 32.11
N LYS A 34 -28.81 -1.79 31.56
CA LYS A 34 -29.87 -2.42 32.35
C LYS A 34 -29.27 -3.40 33.37
N ALA A 35 -28.35 -4.27 32.94
CA ALA A 35 -27.56 -5.08 33.92
C ALA A 35 -26.95 -4.25 35.07
N LEU A 36 -26.36 -3.09 34.76
CA LEU A 36 -25.68 -2.25 35.81
C LEU A 36 -26.68 -1.45 36.66
N GLU A 37 -27.79 -1.11 36.04
CA GLU A 37 -28.92 -0.59 36.82
C GLU A 37 -29.34 -1.58 37.90
N VAL A 38 -29.42 -2.85 37.53
CA VAL A 38 -29.89 -3.90 38.42
C VAL A 38 -28.80 -4.29 39.39
N PHE A 39 -27.58 -4.44 38.90
CA PHE A 39 -26.43 -4.80 39.74
C PHE A 39 -25.20 -3.87 39.44
N PRO A 40 -25.09 -2.72 40.16
CA PRO A 40 -24.03 -1.67 39.91
C PRO A 40 -22.59 -2.17 40.03
N GLU A 41 -22.32 -2.97 41.05
CA GLU A 41 -21.02 -3.59 41.25
C GLU A 41 -20.72 -4.82 40.39
N PHE A 42 -21.12 -4.83 39.15
CA PHE A 42 -20.99 -6.00 38.29
C PHE A 42 -19.81 -5.75 37.34
N ALA A 43 -18.65 -6.28 37.71
CA ALA A 43 -17.43 -5.99 36.99
C ALA A 43 -17.50 -6.31 35.51
N ALA A 44 -18.02 -7.49 35.20
CA ALA A 44 -18.02 -8.01 33.83
C ALA A 44 -18.96 -7.23 32.93
N ALA A 45 -19.98 -6.61 33.50
CA ALA A 45 -20.93 -5.85 32.66
C ALA A 45 -20.34 -4.46 32.34
N HIS A 46 -19.66 -3.85 33.32
CA HIS A 46 -18.80 -2.64 33.10
C HIS A 46 -17.84 -2.89 31.94
N SER A 47 -17.06 -3.94 32.07
CA SER A 47 -16.07 -4.29 31.07
C SER A 47 -16.60 -4.68 29.71
N ASN A 48 -17.70 -5.40 29.69
CA ASN A 48 -18.41 -5.65 28.41
C ASN A 48 -19.01 -4.39 27.79
N LEU A 49 -19.65 -3.55 28.60
CA LEU A 49 -20.18 -2.29 28.08
C LEU A 49 -18.99 -1.45 27.52
N ALA A 50 -17.88 -1.44 28.27
CA ALA A 50 -16.70 -0.70 27.84
C ALA A 50 -16.27 -1.16 26.43
N SER A 51 -16.16 -2.48 26.21
CA SER A 51 -15.77 -3.00 24.88
C SER A 51 -16.73 -2.60 23.76
N VAL A 52 -18.02 -2.49 24.05
CA VAL A 52 -18.93 -2.15 22.96
C VAL A 52 -18.96 -0.60 22.69
N LEU A 53 -18.84 0.18 23.77
CA LEU A 53 -18.54 1.60 23.66
C LEU A 53 -17.24 1.84 22.86
N GLN A 54 -16.21 1.00 23.08
CA GLN A 54 -14.96 1.08 22.30
C GLN A 54 -15.19 0.84 20.78
N GLN A 55 -15.80 -0.28 20.44
CA GLN A 55 -16.31 -0.55 19.07
C GLN A 55 -17.09 0.65 18.44
N GLN A 56 -17.99 1.27 19.20
CA GLN A 56 -18.74 2.47 18.70
C GLN A 56 -17.88 3.77 18.57
N GLY A 57 -16.58 3.75 18.91
CA GLY A 57 -15.75 4.98 18.98
C GLY A 57 -15.84 5.84 20.25
N LYS A 58 -16.60 5.44 21.26
CA LYS A 58 -16.75 6.22 22.49
C LYS A 58 -15.68 5.81 23.49
N LEU A 59 -14.45 6.29 23.28
CA LEU A 59 -13.28 5.74 23.92
C LEU A 59 -13.04 6.21 25.36
N GLN A 60 -13.40 7.45 25.69
CA GLN A 60 -13.30 7.95 27.06
C GLN A 60 -14.32 7.29 27.95
N GLU A 61 -15.55 7.15 27.42
CA GLU A 61 -16.61 6.48 28.15
C GLU A 61 -16.17 5.04 28.39
N ALA A 62 -15.58 4.42 27.37
CA ALA A 62 -15.12 3.06 27.52
C ALA A 62 -14.12 2.90 28.64
N LEU A 63 -13.04 3.69 28.58
CA LEU A 63 -12.04 3.69 29.62
C LEU A 63 -12.62 3.80 31.01
N MET A 64 -13.61 4.68 31.17
CA MET A 64 -14.23 4.87 32.46
C MET A 64 -14.85 3.57 32.97
N HIS A 65 -15.55 2.83 32.10
CA HIS A 65 -16.12 1.54 32.49
C HIS A 65 -15.04 0.48 32.72
N TYR A 66 -13.97 0.50 31.93
CA TYR A 66 -12.91 -0.47 32.20
C TYR A 66 -12.34 -0.26 33.62
N LYS A 67 -12.16 0.99 34.03
CA LYS A 67 -11.58 1.29 35.35
C LYS A 67 -12.51 0.96 36.52
N GLU A 68 -13.82 1.11 36.30
CA GLU A 68 -14.84 0.72 37.26
C GLU A 68 -14.75 -0.77 37.49
N ALA A 69 -14.61 -1.50 36.39
CA ALA A 69 -14.52 -2.95 36.44
C ALA A 69 -13.31 -3.40 37.19
N ILE A 70 -12.17 -2.77 36.89
CA ILE A 70 -10.94 -3.03 37.63
C ILE A 70 -11.11 -2.58 39.10
N ARG A 71 -11.78 -1.47 39.35
CA ARG A 71 -11.93 -1.05 40.72
C ARG A 71 -12.71 -2.10 41.58
N ILE A 72 -13.81 -2.59 41.03
CA ILE A 72 -14.57 -3.74 41.60
C ILE A 72 -13.79 -5.05 41.76
N SER A 73 -13.06 -5.48 40.72
CA SER A 73 -12.23 -6.66 40.76
C SER A 73 -10.81 -6.34 40.33
N PRO A 74 -9.92 -6.01 41.27
CA PRO A 74 -8.57 -5.55 40.87
C PRO A 74 -7.75 -6.51 40.07
N THR A 75 -8.09 -7.80 40.09
CA THR A 75 -7.36 -8.80 39.32
C THR A 75 -8.09 -9.24 38.06
N PHE A 76 -8.90 -8.36 37.45
CA PHE A 76 -9.71 -8.67 36.22
C PHE A 76 -8.83 -8.40 35.02
N ALA A 77 -7.95 -9.36 34.73
CA ALA A 77 -6.97 -9.24 33.62
C ALA A 77 -7.55 -8.86 32.26
N ASP A 78 -8.75 -9.36 31.96
CA ASP A 78 -9.46 -9.13 30.71
C ASP A 78 -9.86 -7.65 30.54
N ALA A 79 -10.29 -6.98 31.62
CA ALA A 79 -10.51 -5.55 31.56
C ALA A 79 -9.21 -4.77 31.22
N TYR A 80 -8.07 -5.15 31.83
CA TYR A 80 -6.81 -4.49 31.56
C TYR A 80 -6.46 -4.73 30.06
N SER A 81 -6.68 -5.97 29.57
CA SER A 81 -6.27 -6.32 28.24
C SER A 81 -7.07 -5.51 27.25
N ASN A 82 -8.38 -5.49 27.40
CA ASN A 82 -9.21 -4.69 26.55
C ASN A 82 -9.05 -3.15 26.71
N MET A 83 -8.88 -2.64 27.93
CA MET A 83 -8.40 -1.25 28.12
C MET A 83 -7.11 -0.92 27.32
N GLY A 84 -6.16 -1.84 27.34
CA GLY A 84 -4.96 -1.74 26.51
C GLY A 84 -5.19 -1.37 25.06
N ASN A 85 -6.23 -1.99 24.50
CA ASN A 85 -6.61 -1.85 23.12
C ASN A 85 -7.25 -0.51 22.85
N THR A 86 -8.04 -0.07 23.82
CA THR A 86 -8.65 1.22 23.79
C THR A 86 -7.52 2.27 23.83
N LEU A 87 -6.54 2.12 24.72
CA LEU A 87 -5.41 3.09 24.75
C LEU A 87 -4.63 3.08 23.42
N LYS A 88 -4.40 1.91 22.85
CA LYS A 88 -3.68 1.79 21.61
C LYS A 88 -4.44 2.50 20.49
N GLU A 89 -5.77 2.38 20.45
CA GLU A 89 -6.62 3.09 19.48
C GLU A 89 -6.57 4.66 19.68
N MET A 90 -6.38 5.12 20.91
CA MET A 90 -6.10 6.53 21.24
C MET A 90 -4.62 6.99 21.00
N GLN A 91 -3.79 6.12 20.44
CA GLN A 91 -2.36 6.40 20.25
C GLN A 91 -1.53 6.51 21.54
N ASP A 92 -2.02 5.99 22.66
CA ASP A 92 -1.29 6.07 23.91
C ASP A 92 -0.57 4.73 24.03
N VAL A 93 0.56 4.61 23.35
CA VAL A 93 1.23 3.31 23.19
C VAL A 93 1.75 2.80 24.55
N GLN A 94 2.34 3.71 25.31
CA GLN A 94 2.76 3.56 26.69
C GLN A 94 1.66 3.05 27.69
N GLY A 95 0.48 3.65 27.69
CA GLY A 95 -0.69 3.16 28.43
C GLY A 95 -1.15 1.77 27.98
N ALA A 96 -1.08 1.52 26.69
CA ALA A 96 -1.41 0.20 26.13
C ALA A 96 -0.47 -0.88 26.70
N LEU A 97 0.81 -0.56 26.69
CA LEU A 97 1.81 -1.46 27.18
C LEU A 97 1.69 -1.65 28.69
N GLN A 98 1.44 -0.57 29.40
CA GLN A 98 1.26 -0.65 30.85
C GLN A 98 0.07 -1.56 31.17
N CYS A 99 -1.01 -1.50 30.38
CA CYS A 99 -2.16 -2.41 30.57
C CYS A 99 -1.93 -3.84 30.13
N TYR A 100 -1.36 -4.06 28.93
CA TYR A 100 -1.16 -5.41 28.49
C TYR A 100 -0.26 -6.17 29.45
N THR A 101 0.85 -5.54 29.86
CA THR A 101 1.80 -6.19 30.71
C THR A 101 1.26 -6.42 32.13
N ARG A 102 0.47 -5.47 32.62
CA ARG A 102 -0.24 -5.71 33.84
C ARG A 102 -1.21 -6.91 33.68
N ALA A 103 -1.84 -7.07 32.52
CA ALA A 103 -2.77 -8.23 32.37
C ALA A 103 -2.02 -9.59 32.45
N ILE A 104 -0.84 -9.62 31.86
CA ILE A 104 0.00 -10.82 31.82
C ILE A 104 0.64 -11.11 33.18
N GLN A 105 0.92 -10.06 33.96
CA GLN A 105 1.37 -10.23 35.37
C GLN A 105 0.27 -10.88 36.23
N ILE A 106 -0.92 -10.35 36.16
CA ILE A 106 -2.08 -10.97 36.84
C ILE A 106 -2.28 -12.43 36.49
N ASN A 107 -2.24 -12.71 35.20
CA ASN A 107 -2.45 -14.03 34.65
C ASN A 107 -1.53 -14.33 33.47
N PRO A 108 -0.37 -14.96 33.74
CA PRO A 108 0.54 -15.29 32.62
C PRO A 108 0.02 -16.28 31.61
N ALA A 109 -1.04 -16.98 31.91
CA ALA A 109 -1.69 -17.90 30.96
C ALA A 109 -2.83 -17.28 30.24
N PHE A 110 -2.92 -15.98 30.22
CA PHE A 110 -4.02 -15.31 29.56
C PHE A 110 -3.70 -15.03 28.08
N ALA A 111 -4.22 -15.88 27.20
CA ALA A 111 -3.71 -15.96 25.81
C ALA A 111 -4.04 -14.69 24.99
N ASP A 112 -5.27 -14.17 25.14
CA ASP A 112 -5.73 -12.93 24.50
C ASP A 112 -4.80 -11.74 24.77
N ALA A 113 -4.33 -11.63 26.02
CA ALA A 113 -3.43 -10.54 26.43
C ALA A 113 -2.12 -10.67 25.70
N HIS A 114 -1.61 -11.90 25.60
CA HIS A 114 -0.38 -12.18 24.86
C HIS A 114 -0.47 -11.77 23.36
N SER A 115 -1.59 -12.12 22.75
CA SER A 115 -1.87 -11.80 21.35
C SER A 115 -1.95 -10.27 21.10
N ASN A 116 -2.72 -9.57 21.97
CA ASN A 116 -2.75 -8.13 21.97
C ASN A 116 -1.34 -7.52 22.16
N LEU A 117 -0.56 -8.03 23.12
CA LEU A 117 0.82 -7.52 23.27
C LEU A 117 1.59 -7.78 21.96
N ALA A 118 1.40 -8.97 21.38
CA ALA A 118 2.12 -9.29 20.16
C ALA A 118 1.80 -8.28 19.07
N SER A 119 0.51 -8.07 18.87
CA SER A 119 0.09 -7.09 17.93
C SER A 119 0.80 -5.68 18.14
N ILE A 120 0.93 -5.18 19.33
CA ILE A 120 1.53 -3.84 19.51
C ILE A 120 3.04 -3.89 19.31
N HIS A 121 3.61 -5.04 19.59
CA HIS A 121 4.98 -5.31 19.13
C HIS A 121 5.18 -5.21 17.60
N LYS A 122 4.27 -5.81 16.85
CA LYS A 122 4.34 -5.85 15.40
C LYS A 122 4.24 -4.40 14.87
N ASP A 123 3.21 -3.67 15.31
CA ASP A 123 2.97 -2.27 14.90
C ASP A 123 4.13 -1.34 15.25
N SER A 124 4.89 -1.65 16.30
CA SER A 124 6.03 -0.81 16.75
C SER A 124 7.30 -1.07 15.98
N GLY A 125 7.33 -2.13 15.15
CA GLY A 125 8.51 -2.58 14.43
C GLY A 125 9.35 -3.66 15.12
N ASN A 126 8.79 -4.30 16.14
CA ASN A 126 9.50 -5.37 16.81
C ASN A 126 8.89 -6.77 16.45
N ILE A 127 9.20 -7.22 15.24
CA ILE A 127 8.67 -8.50 14.74
C ILE A 127 9.15 -9.72 15.48
N PRO A 128 10.43 -9.78 15.90
CA PRO A 128 10.76 -10.97 16.66
C PRO A 128 9.98 -11.08 17.99
N GLU A 129 9.66 -9.95 18.65
CA GLU A 129 8.96 -10.04 19.91
C GLU A 129 7.45 -10.35 19.64
N ALA A 130 6.91 -9.92 18.52
CA ALA A 130 5.49 -10.18 18.15
C ALA A 130 5.33 -11.65 17.87
N ILE A 131 6.29 -12.23 17.16
CA ILE A 131 6.33 -13.66 16.88
C ILE A 131 6.37 -14.47 18.18
N ALA A 132 7.32 -14.14 19.03
CA ALA A 132 7.41 -14.79 20.38
C ALA A 132 6.13 -14.77 21.17
N SER A 133 5.45 -13.63 21.17
CA SER A 133 4.26 -13.44 21.96
C SER A 133 3.05 -14.14 21.32
N TYR A 134 2.99 -14.22 19.97
CA TYR A 134 1.89 -14.97 19.33
C TYR A 134 2.11 -16.46 19.61
N ARG A 135 3.38 -16.88 19.68
CA ARG A 135 3.73 -18.31 20.01
C ARG A 135 3.27 -18.67 21.40
N THR A 136 3.60 -17.78 22.34
CA THR A 136 3.06 -17.90 23.69
C THR A 136 1.52 -18.01 23.65
N ALA A 137 0.84 -17.17 22.90
CA ALA A 137 -0.62 -17.24 22.86
C ALA A 137 -1.10 -18.56 22.32
N LEU A 138 -0.48 -19.02 21.23
CA LEU A 138 -0.92 -20.28 20.58
C LEU A 138 -0.61 -21.54 21.43
N LYS A 139 0.47 -21.43 22.21
CA LYS A 139 0.86 -22.43 23.17
C LYS A 139 -0.16 -22.50 24.30
N LEU A 140 -0.70 -21.36 24.76
CA LEU A 140 -1.69 -21.35 25.83
C LEU A 140 -3.09 -21.76 25.34
N LYS A 141 -3.37 -21.49 24.06
CA LYS A 141 -4.67 -21.76 23.48
C LYS A 141 -4.45 -22.14 22.01
N PRO A 142 -4.20 -23.44 21.72
CA PRO A 142 -3.88 -23.81 20.33
C PRO A 142 -4.97 -23.55 19.29
N ASP A 143 -6.23 -23.52 19.68
CA ASP A 143 -7.28 -23.06 18.71
C ASP A 143 -7.58 -21.56 18.98
N PHE A 144 -6.87 -20.70 18.26
CA PHE A 144 -6.91 -19.22 18.39
C PHE A 144 -6.63 -18.53 17.03
N PRO A 145 -7.64 -18.49 16.15
CA PRO A 145 -7.49 -18.05 14.77
C PRO A 145 -6.78 -16.70 14.60
N ASP A 146 -7.20 -15.69 15.35
CA ASP A 146 -6.58 -14.37 15.23
C ASP A 146 -5.06 -14.44 15.47
N ALA A 147 -4.66 -15.16 16.51
CA ALA A 147 -3.25 -15.20 16.84
C ALA A 147 -2.44 -15.95 15.76
N TYR A 148 -3.08 -16.98 15.18
CA TYR A 148 -2.42 -17.87 14.21
C TYR A 148 -2.23 -17.15 12.90
N CYS A 149 -3.30 -16.59 12.38
CA CYS A 149 -3.22 -15.80 11.19
C CYS A 149 -2.38 -14.53 11.32
N ASN A 150 -2.45 -13.83 12.46
CA ASN A 150 -1.62 -12.66 12.65
C ASN A 150 -0.15 -13.11 12.69
N LEU A 151 0.13 -14.25 13.32
CA LEU A 151 1.52 -14.78 13.36
C LEU A 151 1.94 -15.16 11.91
N ALA A 152 1.04 -15.81 11.17
CA ALA A 152 1.35 -16.16 9.77
C ALA A 152 1.74 -14.90 9.01
N HIS A 153 1.16 -13.72 9.32
CA HIS A 153 1.57 -12.48 8.65
C HIS A 153 2.98 -12.03 9.09
N CYS A 154 3.26 -12.11 10.37
CA CYS A 154 4.59 -11.71 10.81
C CYS A 154 5.61 -12.56 10.10
N LEU A 155 5.33 -13.86 9.95
CA LEU A 155 6.31 -14.79 9.35
C LEU A 155 6.46 -14.44 7.87
N GLN A 156 5.35 -14.14 7.22
CA GLN A 156 5.38 -13.58 5.84
C GLN A 156 6.29 -12.34 5.71
N ILE A 157 6.17 -11.42 6.63
CA ILE A 157 6.93 -10.19 6.59
C ILE A 157 8.46 -10.39 6.61
N VAL A 158 8.94 -11.41 7.29
CA VAL A 158 10.38 -11.59 7.46
C VAL A 158 10.83 -12.81 6.61
N CYS A 159 9.89 -13.31 5.78
CA CYS A 159 10.11 -14.46 4.90
C CYS A 159 10.53 -15.66 5.68
N ASP A 160 9.85 -15.91 6.79
CA ASP A 160 10.04 -17.18 7.46
C ASP A 160 9.00 -18.12 6.86
N TRP A 161 9.52 -19.13 6.13
CA TRP A 161 8.73 -20.14 5.41
C TRP A 161 8.90 -21.56 5.97
N THR A 162 9.49 -21.71 7.15
CA THR A 162 9.27 -22.91 7.95
C THR A 162 7.79 -23.47 7.88
N ASP A 163 7.67 -24.70 7.35
CA ASP A 163 6.40 -25.40 7.23
C ASP A 163 5.39 -24.54 6.44
N TYR A 164 5.91 -23.86 5.39
CA TYR A 164 5.08 -23.00 4.55
C TYR A 164 3.86 -23.71 4.01
N ASP A 165 4.04 -24.90 3.43
CA ASP A 165 2.88 -25.50 2.71
C ASP A 165 1.75 -25.87 3.67
N GLU A 166 2.10 -26.40 4.84
CA GLU A 166 1.09 -26.70 5.90
C GLU A 166 0.48 -25.44 6.56
N ARG A 167 1.31 -24.40 6.79
CA ARG A 167 0.77 -23.09 7.18
C ARG A 167 -0.30 -22.58 6.24
N MET A 168 -0.01 -22.68 4.93
CA MET A 168 -0.94 -22.20 3.95
C MET A 168 -2.28 -22.94 4.07
N LYS A 169 -2.26 -24.27 4.08
CA LYS A 169 -3.52 -25.02 4.09
C LYS A 169 -4.22 -24.89 5.44
N LYS A 170 -3.42 -24.72 6.50
CA LYS A 170 -3.96 -24.36 7.83
C LYS A 170 -4.72 -23.01 7.77
N LEU A 171 -4.15 -21.98 7.11
CA LEU A 171 -4.88 -20.69 6.93
C LEU A 171 -6.17 -20.84 6.14
N VAL A 172 -6.15 -21.64 5.10
CA VAL A 172 -7.37 -21.89 4.34
C VAL A 172 -8.47 -22.58 5.15
N SER A 173 -8.12 -23.57 5.99
CA SER A 173 -9.17 -24.31 6.72
C SER A 173 -9.74 -23.54 7.88
N ILE A 174 -8.90 -22.70 8.52
CA ILE A 174 -9.35 -21.70 9.47
C ILE A 174 -10.41 -20.81 8.83
N VAL A 175 -10.14 -20.34 7.59
CA VAL A 175 -11.06 -19.42 6.91
C VAL A 175 -12.34 -20.13 6.48
N ALA A 176 -12.20 -21.30 5.85
CA ALA A 176 -13.37 -22.18 5.58
C ALA A 176 -14.24 -22.29 6.82
N ASP A 177 -13.61 -22.67 7.93
CA ASP A 177 -14.30 -22.91 9.20
C ASP A 177 -14.93 -21.65 9.79
N GLN A 178 -14.29 -20.52 9.62
CA GLN A 178 -14.84 -19.23 10.06
C GLN A 178 -16.02 -18.75 9.23
N LEU A 179 -16.01 -19.10 7.95
CA LEU A 179 -17.06 -18.67 7.04
C LEU A 179 -18.27 -19.57 7.14
N GLU A 180 -18.05 -20.88 7.38
CA GLU A 180 -19.10 -21.82 7.80
C GLU A 180 -19.98 -21.22 8.90
N LYS A 181 -19.34 -20.64 9.92
CA LYS A 181 -20.01 -20.09 11.11
C LYS A 181 -20.32 -18.61 11.00
N ASN A 182 -19.97 -17.98 9.86
CA ASN A 182 -20.33 -16.58 9.54
C ASN A 182 -19.78 -15.60 10.57
N ARG A 183 -18.64 -15.97 11.17
CA ARG A 183 -17.91 -15.13 12.10
C ARG A 183 -16.83 -14.41 11.31
N LEU A 184 -16.37 -13.29 11.86
CA LEU A 184 -15.37 -12.48 11.19
C LEU A 184 -14.09 -13.28 10.94
N PRO A 185 -13.63 -13.35 9.66
CA PRO A 185 -12.37 -14.05 9.39
C PRO A 185 -11.14 -13.31 9.95
N SER A 186 -10.21 -14.13 10.40
CA SER A 186 -9.02 -13.70 11.08
C SER A 186 -7.94 -13.33 10.08
N VAL A 187 -8.06 -13.80 8.84
CA VAL A 187 -7.31 -13.24 7.73
C VAL A 187 -7.95 -11.89 7.34
N HIS A 188 -7.12 -10.85 7.36
CA HIS A 188 -7.56 -9.51 6.97
C HIS A 188 -7.73 -9.49 5.42
N PRO A 189 -8.71 -8.77 4.89
CA PRO A 189 -8.89 -8.76 3.44
C PRO A 189 -7.70 -8.33 2.63
N HIS A 190 -6.97 -7.34 3.14
CA HIS A 190 -5.79 -6.79 2.46
C HIS A 190 -4.70 -7.84 2.26
N HIS A 191 -4.67 -8.84 3.14
CA HIS A 191 -3.65 -9.89 3.12
C HIS A 191 -4.05 -11.12 2.36
N SER A 192 -5.34 -11.22 2.01
CA SER A 192 -5.90 -12.45 1.52
C SER A 192 -5.34 -12.85 0.15
N MET A 193 -4.87 -11.86 -0.61
CA MET A 193 -4.18 -12.15 -1.87
C MET A 193 -2.89 -12.94 -1.68
N LEU A 194 -2.32 -12.98 -0.47
CA LEU A 194 -1.02 -13.66 -0.25
C LEU A 194 -1.10 -15.18 -0.05
N TYR A 195 -2.32 -15.69 0.04
CA TYR A 195 -2.55 -17.04 0.58
C TYR A 195 -3.43 -17.74 -0.43
N PRO A 196 -3.23 -19.05 -0.60
CA PRO A 196 -3.89 -19.75 -1.66
C PRO A 196 -5.36 -20.09 -1.37
N LEU A 197 -6.19 -19.06 -1.20
CA LEU A 197 -7.61 -19.18 -0.96
C LEU A 197 -8.35 -19.10 -2.27
N SER A 198 -9.58 -19.60 -2.31
CA SER A 198 -10.37 -19.49 -3.54
C SER A 198 -10.79 -18.03 -3.71
N HIS A 199 -11.08 -17.63 -4.94
CA HIS A 199 -11.65 -16.30 -5.17
C HIS A 199 -12.94 -16.10 -4.35
N GLY A 200 -13.74 -17.17 -4.20
CA GLY A 200 -14.93 -17.16 -3.34
C GLY A 200 -14.64 -16.72 -1.89
N PHE A 201 -13.69 -17.41 -1.26
CA PHE A 201 -13.22 -17.04 0.10
C PHE A 201 -12.71 -15.58 0.18
N ARG A 202 -11.93 -15.12 -0.81
CA ARG A 202 -11.37 -13.74 -0.77
C ARG A 202 -12.50 -12.73 -0.75
N LYS A 203 -13.44 -12.94 -1.68
CA LYS A 203 -14.64 -12.13 -1.80
C LYS A 203 -15.50 -12.16 -0.50
N ALA A 204 -15.56 -13.32 0.16
CA ALA A 204 -16.37 -13.47 1.38
C ALA A 204 -15.69 -12.83 2.59
N ILE A 205 -14.39 -13.06 2.71
CA ILE A 205 -13.54 -12.29 3.67
C ILE A 205 -13.87 -10.79 3.59
N ALA A 206 -13.76 -10.24 2.39
CA ALA A 206 -14.06 -8.83 2.19
C ALA A 206 -15.47 -8.50 2.63
N GLU A 207 -16.44 -9.29 2.13
CA GLU A 207 -17.88 -9.08 2.44
C GLU A 207 -18.07 -9.02 3.94
N ARG A 208 -17.49 -9.97 4.68
CA ARG A 208 -17.71 -9.98 6.13
C ARG A 208 -17.11 -8.72 6.82
N HIS A 209 -15.95 -8.22 6.32
CA HIS A 209 -15.33 -7.00 6.90
C HIS A 209 -16.17 -5.77 6.54
N GLY A 210 -16.70 -5.70 5.33
CA GLY A 210 -17.63 -4.61 5.00
C GLY A 210 -18.85 -4.59 5.91
N ASN A 211 -19.26 -5.78 6.31
CA ASN A 211 -20.44 -5.94 7.12
C ASN A 211 -20.31 -5.35 8.52
N LEU A 212 -19.10 -5.39 9.12
CA LEU A 212 -18.83 -4.61 10.33
C LEU A 212 -19.29 -3.16 10.21
N CYS A 213 -19.05 -2.54 9.05
CA CYS A 213 -19.37 -1.11 8.85
C CYS A 213 -20.88 -0.90 8.85
N LEU A 214 -21.60 -1.67 8.00
CA LEU A 214 -23.08 -1.76 8.07
C LEU A 214 -23.59 -1.88 9.53
N ASP A 215 -22.97 -2.72 10.37
CA ASP A 215 -23.44 -2.84 11.77
C ASP A 215 -23.21 -1.61 12.62
N LYS A 216 -22.07 -0.92 12.45
CA LYS A 216 -21.73 0.22 13.30
C LYS A 216 -22.64 1.40 12.97
N ILE A 217 -23.02 1.54 11.70
CA ILE A 217 -23.90 2.63 11.27
C ILE A 217 -25.40 2.45 11.61
N ASN A 218 -25.85 1.20 11.81
CA ASN A 218 -27.28 0.96 12.17
C ASN A 218 -27.73 1.61 13.50
N VAL A 219 -26.83 1.76 14.49
CA VAL A 219 -27.11 2.55 15.73
C VAL A 219 -27.62 3.99 15.48
N LEU A 220 -27.19 4.57 14.36
CA LEU A 220 -27.59 5.94 13.97
C LEU A 220 -29.05 6.03 13.49
N HIS A 221 -29.55 4.96 12.83
CA HIS A 221 -30.94 4.87 12.31
C HIS A 221 -31.18 5.94 11.26
N LYS A 222 -30.41 5.86 10.17
CA LYS A 222 -30.53 6.83 9.09
C LYS A 222 -31.35 6.26 7.92
N PRO A 223 -32.27 7.08 7.39
CA PRO A 223 -33.01 6.63 6.21
C PRO A 223 -32.06 6.60 5.00
N PRO A 224 -32.46 5.94 3.91
CA PRO A 224 -31.71 6.17 2.69
C PRO A 224 -31.74 7.66 2.35
N TYR A 225 -30.61 8.22 1.93
CA TYR A 225 -30.53 9.61 1.47
C TYR A 225 -31.21 9.71 0.08
N GLU A 226 -31.70 10.93 -0.23
CA GLU A 226 -32.26 11.26 -1.55
C GLU A 226 -31.15 11.84 -2.43
N HIS A 227 -30.87 11.14 -3.53
CA HIS A 227 -29.76 11.45 -4.42
C HIS A 227 -30.20 12.25 -5.65
N PRO A 228 -29.62 13.47 -5.87
CA PRO A 228 -29.81 14.19 -7.13
C PRO A 228 -29.81 13.29 -8.37
N LYS A 229 -30.80 13.44 -9.25
CA LYS A 229 -30.97 12.59 -10.47
C LYS A 229 -30.50 13.26 -11.79
N ASP A 230 -30.04 14.50 -11.70
CA ASP A 230 -29.50 15.24 -12.83
C ASP A 230 -28.54 16.34 -12.35
N LEU A 231 -27.80 16.92 -13.29
CA LEU A 231 -26.70 17.84 -12.94
C LEU A 231 -27.18 19.26 -12.73
N LYS A 232 -28.50 19.46 -12.62
CA LYS A 232 -29.09 20.77 -12.86
C LYS A 232 -28.77 21.79 -11.77
N LEU A 233 -28.71 21.38 -10.50
CA LEU A 233 -28.38 22.35 -9.42
C LEU A 233 -26.88 22.47 -9.11
N SER A 234 -26.06 21.66 -9.80
CA SER A 234 -24.61 21.82 -9.78
C SER A 234 -24.12 22.42 -11.10
N ASP A 235 -24.83 23.46 -11.59
CA ASP A 235 -24.59 24.10 -12.93
C ASP A 235 -24.11 23.21 -14.12
N GLY A 236 -24.57 21.96 -14.14
CA GLY A 236 -24.17 20.98 -15.17
C GLY A 236 -22.82 20.30 -14.95
N ARG A 237 -22.35 20.35 -13.71
CA ARG A 237 -21.08 19.68 -13.33
C ARG A 237 -21.34 18.39 -12.51
N LEU A 238 -20.71 17.29 -12.92
CA LEU A 238 -20.64 16.08 -12.10
C LEU A 238 -19.78 16.34 -10.85
N ARG A 239 -20.42 16.35 -9.69
CA ARG A 239 -19.73 16.43 -8.41
C ARG A 239 -19.12 15.06 -7.99
N VAL A 240 -17.78 15.07 -7.82
CA VAL A 240 -17.00 13.86 -7.53
C VAL A 240 -16.26 14.07 -6.26
N GLY A 241 -16.37 13.06 -5.42
CA GLY A 241 -15.93 13.13 -4.06
C GLY A 241 -14.86 12.03 -3.86
N TYR A 242 -13.63 12.46 -3.57
CA TYR A 242 -12.47 11.55 -3.35
C TYR A 242 -12.21 11.44 -1.86
N VAL A 243 -12.41 10.25 -1.31
CA VAL A 243 -12.29 10.01 0.13
C VAL A 243 -11.02 9.20 0.40
N SER A 244 -10.15 9.78 1.23
CA SER A 244 -8.89 9.13 1.52
C SER A 244 -8.28 9.55 2.83
N SER A 245 -7.69 8.57 3.50
CA SER A 245 -6.82 8.85 4.64
C SER A 245 -5.42 9.32 4.24
N ASP A 246 -5.10 9.31 2.95
CA ASP A 246 -3.74 9.39 2.39
C ASP A 246 -3.34 10.67 1.58
N PHE A 247 -4.00 11.80 1.86
CA PHE A 247 -3.66 13.08 1.28
C PHE A 247 -2.59 13.62 2.26
N GLY A 248 -1.35 13.24 1.96
CA GLY A 248 -0.15 13.59 2.74
C GLY A 248 0.96 12.67 2.28
N LYS A 249 1.93 12.47 3.17
CA LYS A 249 3.09 11.67 2.82
C LYS A 249 2.68 10.22 2.82
N HIS A 250 2.15 9.76 1.69
CA HIS A 250 1.67 8.39 1.53
C HIS A 250 1.73 7.99 0.02
N PRO A 251 2.09 6.76 -0.29
CA PRO A 251 2.01 6.35 -1.70
C PRO A 251 0.78 6.82 -2.52
N THR A 252 -0.39 6.93 -1.91
CA THR A 252 -1.56 7.35 -2.68
C THR A 252 -1.36 8.72 -3.28
N SER A 253 -1.00 9.66 -2.42
CA SER A 253 -0.63 10.98 -2.95
C SER A 253 0.54 10.89 -3.93
N HIS A 254 1.52 9.99 -3.74
CA HIS A 254 2.59 9.83 -4.76
C HIS A 254 2.06 9.43 -6.17
N LEU A 255 0.87 8.81 -6.22
CA LEU A 255 0.21 8.40 -7.46
C LEU A 255 -0.74 9.46 -8.07
N MET A 256 -1.56 10.10 -7.23
CA MET A 256 -2.71 10.85 -7.77
C MET A 256 -2.77 12.26 -7.35
N GLN A 257 -1.69 12.87 -6.84
CA GLN A 257 -1.85 14.23 -6.34
C GLN A 257 -2.14 15.27 -7.38
N SER A 258 -1.75 15.03 -8.63
CA SER A 258 -2.02 15.95 -9.72
C SER A 258 -3.51 15.83 -10.22
N ILE A 259 -4.20 14.72 -9.89
CA ILE A 259 -5.52 14.40 -10.56
C ILE A 259 -6.53 15.48 -10.24
N PRO A 260 -6.82 15.72 -8.94
CA PRO A 260 -7.77 16.76 -8.58
C PRO A 260 -7.67 18.05 -9.34
N GLY A 261 -6.48 18.61 -9.43
CA GLY A 261 -6.30 19.85 -10.15
C GLY A 261 -6.27 19.74 -11.67
N MET A 262 -6.04 18.54 -12.21
CA MET A 262 -6.25 18.38 -13.67
C MET A 262 -7.74 18.21 -14.10
N HIS A 263 -8.68 18.18 -13.16
CA HIS A 263 -10.10 17.88 -13.55
C HIS A 263 -10.63 19.11 -14.28
N ASN A 264 -11.50 18.88 -15.26
CA ASN A 264 -12.04 19.97 -16.10
C ASN A 264 -13.14 20.68 -15.30
N PRO A 265 -12.88 21.92 -14.85
CA PRO A 265 -13.88 22.58 -14.00
C PRO A 265 -15.20 23.03 -14.70
N ASP A 266 -15.27 23.02 -16.03
CA ASP A 266 -16.53 23.24 -16.77
C ASP A 266 -17.51 22.07 -16.59
N LYS A 267 -16.98 20.85 -16.50
CA LYS A 267 -17.80 19.66 -16.34
C LYS A 267 -17.70 18.97 -14.97
N PHE A 268 -16.66 19.22 -14.19
CA PHE A 268 -16.55 18.49 -12.95
C PHE A 268 -16.30 19.39 -11.81
N GLU A 269 -16.78 19.02 -10.64
CA GLU A 269 -16.52 19.78 -9.42
C GLU A 269 -16.00 18.76 -8.42
N VAL A 270 -14.82 19.07 -7.89
CA VAL A 270 -14.02 18.12 -7.13
C VAL A 270 -13.99 18.45 -5.65
N PHE A 271 -14.31 17.45 -4.84
CA PHE A 271 -14.32 17.56 -3.39
C PHE A 271 -13.34 16.49 -2.91
N CYS A 272 -12.31 16.91 -2.18
CA CYS A 272 -11.46 15.95 -1.46
C CYS A 272 -11.86 15.91 0.01
N TYR A 273 -12.23 14.71 0.45
CA TYR A 273 -12.56 14.40 1.84
C TYR A 273 -11.41 13.68 2.49
N ALA A 274 -10.63 14.39 3.29
CA ALA A 274 -9.51 13.79 3.98
C ALA A 274 -10.01 13.10 5.23
N LEU A 275 -9.56 11.87 5.45
CA LEU A 275 -9.88 11.14 6.66
C LEU A 275 -8.75 11.25 7.62
N SER A 276 -7.73 12.03 7.29
CA SER A 276 -6.60 12.24 8.19
C SER A 276 -6.33 13.71 8.35
N PRO A 277 -5.68 14.08 9.44
CA PRO A 277 -5.39 15.49 9.59
C PRO A 277 -4.13 15.92 8.82
N ASP A 278 -3.92 17.24 8.77
CA ASP A 278 -2.89 17.86 7.93
C ASP A 278 -1.53 17.48 8.48
N ASP A 279 -0.72 16.73 7.71
CA ASP A 279 0.57 16.31 8.22
C ASP A 279 1.69 17.33 7.96
N GLY A 280 1.37 18.50 7.40
CA GLY A 280 2.36 19.54 7.09
C GLY A 280 3.08 19.37 5.71
N THR A 281 2.76 18.32 4.93
CA THR A 281 3.58 18.06 3.71
C THR A 281 3.03 18.71 2.46
N ASN A 282 3.91 18.95 1.49
CA ASN A 282 3.46 19.51 0.22
C ASN A 282 2.32 18.68 -0.45
N PHE A 283 2.24 17.41 -0.17
CA PHE A 283 1.24 16.57 -0.83
C PHE A 283 -0.16 17.01 -0.46
N ARG A 284 -0.32 17.18 0.85
CA ARG A 284 -1.47 17.77 1.47
C ARG A 284 -1.75 19.16 0.99
N VAL A 285 -0.73 20.03 1.06
CA VAL A 285 -0.86 21.38 0.53
C VAL A 285 -1.41 21.43 -0.92
N LYS A 286 -0.99 20.49 -1.78
CA LYS A 286 -1.29 20.58 -3.19
C LYS A 286 -2.74 20.13 -3.42
N VAL A 287 -3.16 19.08 -2.74
CA VAL A 287 -4.51 18.63 -2.94
C VAL A 287 -5.49 19.65 -2.35
N MET A 288 -5.06 20.36 -1.32
CA MET A 288 -5.93 21.31 -0.66
C MET A 288 -6.05 22.52 -1.53
N ALA A 289 -4.95 22.89 -2.20
CA ALA A 289 -4.94 24.08 -3.06
C ALA A 289 -5.70 23.86 -4.32
N GLU A 290 -5.61 22.66 -4.89
CA GLU A 290 -6.05 22.44 -6.26
C GLU A 290 -7.46 21.76 -6.41
N ALA A 291 -7.94 21.11 -5.39
CA ALA A 291 -9.29 20.57 -5.39
C ALA A 291 -10.23 21.78 -5.33
N ASN A 292 -11.40 21.67 -5.94
CA ASN A 292 -12.36 22.79 -5.87
C ASN A 292 -12.80 22.93 -4.41
N HIS A 293 -12.99 21.82 -3.67
CA HIS A 293 -13.31 21.90 -2.23
C HIS A 293 -12.51 20.84 -1.48
N PHE A 294 -11.99 21.20 -0.30
CA PHE A 294 -11.27 20.27 0.55
C PHE A 294 -11.90 20.31 1.96
N ILE A 295 -12.29 19.12 2.44
CA ILE A 295 -12.99 18.96 3.73
C ILE A 295 -12.24 17.96 4.58
N ASP A 296 -11.89 18.39 5.77
CA ASP A 296 -11.17 17.58 6.71
C ASP A 296 -12.18 16.78 7.51
N LEU A 297 -12.55 15.59 7.04
CA LEU A 297 -13.43 14.74 7.85
C LEU A 297 -12.77 14.23 9.14
N SER A 298 -11.44 14.26 9.32
CA SER A 298 -10.87 13.73 10.58
C SER A 298 -11.35 14.55 11.79
N GLN A 299 -11.77 15.79 11.49
CA GLN A 299 -12.42 16.71 12.44
C GLN A 299 -13.84 16.30 12.88
N ILE A 300 -14.52 15.48 12.10
CA ILE A 300 -15.91 15.10 12.30
C ILE A 300 -16.01 13.56 12.51
N PRO A 301 -15.64 13.03 13.70
CA PRO A 301 -15.48 11.59 13.90
C PRO A 301 -16.79 10.83 13.76
N CYS A 302 -17.90 11.44 14.16
CA CYS A 302 -19.20 10.83 14.01
C CYS A 302 -19.55 10.63 12.53
N ASN A 303 -19.73 9.36 12.19
CA ASN A 303 -19.94 8.91 10.82
C ASN A 303 -21.24 9.38 10.21
N GLY A 304 -22.27 9.56 11.02
CA GLY A 304 -23.54 10.05 10.46
C GLY A 304 -23.44 11.52 10.07
N LYS A 305 -22.95 12.35 11.00
CA LYS A 305 -22.66 13.79 10.76
C LYS A 305 -21.67 14.01 9.62
N ALA A 306 -20.63 13.18 9.53
CA ALA A 306 -19.67 13.26 8.41
C ALA A 306 -20.33 12.90 7.09
N ALA A 307 -21.09 11.81 7.08
CA ALA A 307 -21.83 11.39 5.89
C ALA A 307 -22.85 12.42 5.46
N ASP A 308 -23.35 13.20 6.42
CA ASP A 308 -24.29 14.28 6.09
C ASP A 308 -23.61 15.31 5.20
N ARG A 309 -22.44 15.82 5.64
CA ARG A 309 -21.68 16.75 4.80
C ARG A 309 -21.58 16.26 3.37
N ILE A 310 -21.22 15.01 3.17
CA ILE A 310 -21.12 14.46 1.82
C ILE A 310 -22.46 14.54 1.08
N HIS A 311 -23.59 14.27 1.75
CA HIS A 311 -24.90 14.39 1.09
C HIS A 311 -25.23 15.82 0.68
N GLN A 312 -25.00 16.76 1.59
CA GLN A 312 -25.28 18.18 1.37
C GLN A 312 -24.32 18.85 0.35
N ASP A 313 -23.16 18.23 0.07
CA ASP A 313 -22.25 18.75 -0.93
C ASP A 313 -22.78 18.45 -2.32
N GLY A 314 -23.53 17.39 -2.41
CA GLY A 314 -24.22 17.06 -3.63
C GLY A 314 -23.55 15.98 -4.42
N ILE A 315 -22.71 15.18 -3.76
CA ILE A 315 -21.81 14.32 -4.50
C ILE A 315 -22.62 13.36 -5.36
N HIS A 316 -22.26 13.29 -6.63
CA HIS A 316 -22.77 12.25 -7.52
C HIS A 316 -21.95 10.95 -7.30
N ILE A 317 -20.67 10.97 -7.65
CA ILE A 317 -19.75 9.84 -7.48
C ILE A 317 -18.89 10.03 -6.25
N LEU A 318 -18.90 9.02 -5.38
CA LEU A 318 -18.08 9.01 -4.19
C LEU A 318 -17.06 7.89 -4.42
N VAL A 319 -15.78 8.27 -4.30
CA VAL A 319 -14.66 7.42 -4.63
C VAL A 319 -13.91 6.98 -3.36
N ASN A 320 -13.86 5.67 -3.14
CA ASN A 320 -13.24 5.03 -1.99
C ASN A 320 -11.84 4.66 -2.36
N MET A 321 -10.89 5.40 -1.79
CA MET A 321 -9.47 5.22 -2.02
C MET A 321 -8.78 4.44 -0.92
N ASN A 322 -9.51 3.94 0.08
CA ASN A 322 -8.93 3.19 1.17
C ASN A 322 -9.17 1.69 1.07
N GLY A 323 -10.40 1.27 0.73
CA GLY A 323 -10.80 -0.12 0.93
C GLY A 323 -10.51 -0.56 2.34
N TYR A 324 -9.96 -1.74 2.49
CA TYR A 324 -9.61 -2.27 3.82
C TYR A 324 -8.12 -1.93 4.13
N THR A 325 -7.76 -0.63 4.10
CA THR A 325 -6.45 -0.17 4.62
C THR A 325 -6.66 0.71 5.86
N LYS A 326 -5.54 0.97 6.51
CA LYS A 326 -5.41 1.78 7.71
C LYS A 326 -5.89 3.21 7.44
N GLY A 327 -6.63 3.77 8.37
CA GLY A 327 -7.37 5.00 8.18
C GLY A 327 -8.72 4.90 7.48
N ALA A 328 -9.12 3.71 7.00
CA ALA A 328 -10.43 3.63 6.30
C ALA A 328 -11.56 4.13 7.15
N ARG A 329 -12.59 4.75 6.54
CA ARG A 329 -13.85 4.94 7.24
C ARG A 329 -14.95 4.52 6.29
N ASN A 330 -15.05 3.23 6.11
CA ASN A 330 -15.95 2.70 5.11
C ASN A 330 -17.43 2.78 5.56
N GLU A 331 -17.63 2.92 6.86
CA GLU A 331 -18.88 3.41 7.45
C GLU A 331 -19.47 4.60 6.65
N LEU A 332 -18.60 5.49 6.17
CA LEU A 332 -19.03 6.61 5.34
C LEU A 332 -19.72 6.08 4.11
N PHE A 333 -19.16 5.08 3.46
CA PHE A 333 -19.76 4.54 2.24
C PHE A 333 -20.99 3.62 2.48
N ALA A 334 -21.06 3.03 3.69
CA ALA A 334 -22.15 2.13 4.06
C ALA A 334 -23.46 2.88 4.21
N LEU A 335 -23.34 4.13 4.71
CA LEU A 335 -24.43 5.09 4.81
C LEU A 335 -24.92 5.66 3.44
N ARG A 336 -24.27 5.29 2.33
CA ARG A 336 -24.60 5.74 0.96
C ARG A 336 -25.03 7.20 0.78
N PRO A 337 -24.11 8.18 1.04
CA PRO A 337 -24.48 9.61 0.83
C PRO A 337 -24.49 10.04 -0.60
N ALA A 338 -24.34 9.09 -1.52
CA ALA A 338 -24.15 9.36 -2.91
C ALA A 338 -24.69 8.22 -3.70
N PRO A 339 -25.15 8.50 -4.94
CA PRO A 339 -25.74 7.47 -5.80
C PRO A 339 -24.76 6.56 -6.51
N ILE A 340 -23.52 7.00 -6.63
CA ILE A 340 -22.52 6.16 -7.25
C ILE A 340 -21.33 6.20 -6.32
N GLN A 341 -20.82 5.01 -6.00
CA GLN A 341 -19.79 4.83 -5.05
C GLN A 341 -18.82 3.86 -5.68
N ALA A 342 -17.57 4.32 -5.91
CA ALA A 342 -16.57 3.50 -6.62
C ALA A 342 -15.24 3.34 -5.85
N MET A 343 -14.64 2.17 -6.03
CA MET A 343 -13.37 1.80 -5.49
C MET A 343 -12.37 2.30 -6.53
N TRP A 344 -11.35 3.02 -6.06
CA TRP A 344 -10.29 3.48 -6.94
C TRP A 344 -8.91 3.59 -6.26
N LEU A 345 -7.96 2.83 -6.80
CA LEU A 345 -6.53 3.10 -6.78
C LEU A 345 -5.85 2.67 -5.53
N GLY A 346 -6.34 3.10 -4.39
CA GLY A 346 -5.69 2.77 -3.15
C GLY A 346 -5.80 1.35 -2.64
N TYR A 347 -6.94 0.69 -2.92
CA TYR A 347 -7.12 -0.69 -2.47
C TYR A 347 -6.99 -1.69 -3.63
N PRO A 348 -6.00 -2.60 -3.56
CA PRO A 348 -5.83 -3.58 -4.59
C PRO A 348 -6.64 -4.84 -4.33
N GLY A 349 -7.96 -4.69 -4.27
CA GLY A 349 -8.87 -5.84 -4.22
C GLY A 349 -10.33 -5.43 -4.24
N THR A 350 -11.21 -6.41 -4.03
CA THR A 350 -12.64 -6.13 -3.96
C THR A 350 -13.02 -5.80 -2.54
N SER A 351 -13.96 -4.86 -2.41
CA SER A 351 -14.58 -4.54 -1.13
C SER A 351 -15.47 -5.66 -0.63
N GLY A 352 -16.02 -6.45 -1.55
CA GLY A 352 -16.96 -7.49 -1.19
C GLY A 352 -18.31 -7.01 -0.69
N ALA A 353 -18.51 -5.69 -0.57
CA ALA A 353 -19.67 -5.07 0.04
C ALA A 353 -20.70 -4.59 -1.01
N LEU A 354 -21.97 -4.59 -0.60
CA LEU A 354 -23.11 -4.20 -1.44
C LEU A 354 -23.13 -2.67 -1.62
N PHE A 355 -22.57 -1.94 -0.64
CA PHE A 355 -22.46 -0.47 -0.71
C PHE A 355 -21.47 0.10 -1.70
N MET A 356 -20.68 -0.72 -2.40
CA MET A 356 -19.84 -0.25 -3.53
C MET A 356 -20.37 -0.72 -4.88
N ASP A 357 -20.50 0.22 -5.83
CA ASP A 357 -21.09 -0.05 -7.15
C ASP A 357 -20.08 -0.52 -8.21
N TYR A 358 -18.95 0.21 -8.33
CA TYR A 358 -17.88 -0.18 -9.24
C TYR A 358 -16.50 -0.28 -8.55
N ILE A 359 -15.62 -1.04 -9.18
CA ILE A 359 -14.21 -0.95 -8.98
C ILE A 359 -13.57 -0.46 -10.30
N ILE A 360 -12.91 0.70 -10.24
CA ILE A 360 -12.20 1.22 -11.41
C ILE A 360 -10.91 0.45 -11.59
N THR A 361 -10.78 -0.21 -12.74
CA THR A 361 -9.74 -1.19 -13.00
C THR A 361 -9.56 -1.19 -14.49
N ASP A 362 -9.14 -2.30 -15.07
CA ASP A 362 -8.90 -2.36 -16.52
C ASP A 362 -8.82 -3.82 -17.00
N GLN A 363 -8.85 -3.99 -18.32
CA GLN A 363 -9.00 -5.29 -18.96
C GLN A 363 -7.85 -6.24 -18.69
N GLU A 364 -6.64 -5.70 -18.65
CA GLU A 364 -5.45 -6.50 -18.33
C GLU A 364 -5.40 -6.81 -16.82
N THR A 365 -5.88 -5.92 -15.93
CA THR A 365 -5.81 -6.16 -14.46
C THR A 365 -6.93 -7.08 -14.00
N SER A 366 -8.14 -6.81 -14.51
CA SER A 366 -9.30 -7.56 -14.14
C SER A 366 -10.03 -7.99 -15.42
N PRO A 367 -9.56 -9.07 -16.06
CA PRO A 367 -10.20 -9.61 -17.27
C PRO A 367 -11.70 -9.96 -17.09
N ALA A 368 -12.46 -9.86 -18.18
CA ALA A 368 -13.91 -10.17 -18.18
C ALA A 368 -14.22 -11.47 -17.46
N GLU A 369 -13.46 -12.52 -17.78
CA GLU A 369 -13.69 -13.89 -17.26
C GLU A 369 -13.83 -13.94 -15.72
N VAL A 370 -12.89 -13.29 -15.01
CA VAL A 370 -12.83 -13.32 -13.53
C VAL A 370 -13.65 -12.21 -12.84
N ALA A 371 -14.72 -11.71 -13.47
CA ALA A 371 -15.63 -10.74 -12.80
C ALA A 371 -16.27 -11.25 -11.50
N GLU A 372 -16.24 -12.57 -11.31
CA GLU A 372 -16.74 -13.24 -10.08
C GLU A 372 -15.78 -13.04 -8.92
N GLN A 373 -14.50 -12.80 -9.19
CA GLN A 373 -13.54 -12.27 -8.20
C GLN A 373 -14.09 -11.08 -7.38
N TYR A 374 -14.80 -10.16 -8.04
CA TYR A 374 -15.27 -8.92 -7.44
C TYR A 374 -16.79 -8.89 -7.14
N SER A 375 -17.14 -8.15 -6.08
CA SER A 375 -18.51 -7.85 -5.73
C SER A 375 -19.03 -6.76 -6.62
N GLU A 376 -18.14 -5.87 -7.03
CA GLU A 376 -18.50 -4.67 -7.75
C GLU A 376 -18.56 -5.02 -9.22
N LYS A 377 -19.27 -4.17 -9.99
CA LYS A 377 -19.16 -4.23 -11.44
C LYS A 377 -17.83 -3.60 -11.89
N LEU A 378 -17.21 -4.23 -12.87
CA LEU A 378 -15.97 -3.72 -13.46
C LEU A 378 -16.25 -2.42 -14.18
N ALA A 379 -15.35 -1.44 -14.01
CA ALA A 379 -15.40 -0.17 -14.75
C ALA A 379 -14.01 0.04 -15.36
N TYR A 380 -13.89 -0.14 -16.66
CA TYR A 380 -12.61 -0.14 -17.31
C TYR A 380 -12.16 1.29 -17.61
N MET A 381 -10.92 1.57 -17.21
CA MET A 381 -10.10 2.62 -17.83
C MET A 381 -9.51 2.04 -19.14
N PRO A 382 -9.10 2.89 -20.09
CA PRO A 382 -8.76 2.29 -21.41
C PRO A 382 -7.38 1.72 -21.56
N HIS A 383 -6.45 2.16 -20.71
CA HIS A 383 -5.09 1.62 -20.76
C HIS A 383 -4.83 0.86 -19.46
N THR A 384 -4.28 1.48 -18.41
CA THR A 384 -4.23 0.83 -17.10
C THR A 384 -5.00 1.69 -16.17
N PHE A 385 -5.50 1.10 -15.08
CA PHE A 385 -6.12 1.92 -14.00
C PHE A 385 -5.04 2.63 -13.12
N PHE A 386 -3.84 2.08 -13.14
CA PHE A 386 -2.75 2.57 -12.35
C PHE A 386 -2.21 3.87 -12.91
N ILE A 387 -1.85 4.77 -12.00
CA ILE A 387 -1.24 6.02 -12.40
C ILE A 387 -0.09 6.35 -11.41
N GLY A 388 0.76 7.30 -11.78
CA GLY A 388 1.94 7.73 -10.97
C GLY A 388 2.20 9.20 -11.23
N ASP A 389 2.55 9.96 -10.18
CA ASP A 389 2.84 11.39 -10.33
C ASP A 389 4.33 11.64 -10.59
N HIS A 390 5.05 10.65 -11.10
CA HIS A 390 6.49 10.71 -11.30
C HIS A 390 6.94 11.81 -12.24
N ALA A 391 6.12 12.09 -13.25
CA ALA A 391 6.48 13.18 -14.20
C ALA A 391 6.59 14.53 -13.51
N ASN A 392 5.70 14.75 -12.57
CA ASN A 392 5.67 15.96 -11.75
C ASN A 392 6.68 15.95 -10.59
N MET A 393 6.82 14.79 -9.92
CA MET A 393 7.64 14.66 -8.75
C MET A 393 9.13 14.62 -9.02
N PHE A 394 9.51 13.84 -10.03
CA PHE A 394 10.88 13.55 -10.38
C PHE A 394 11.19 13.86 -11.84
N PRO A 395 11.01 15.10 -12.28
CA PRO A 395 11.38 15.49 -13.61
C PRO A 395 12.88 15.53 -13.89
N HIS A 396 13.71 15.61 -12.84
CA HIS A 396 15.16 15.52 -13.00
C HIS A 396 15.60 14.10 -13.45
N LEU A 397 14.69 13.12 -13.36
CA LEU A 397 14.95 11.76 -13.87
C LEU A 397 14.49 11.58 -15.31
N LYS A 398 13.92 12.61 -15.96
CA LYS A 398 13.54 12.49 -17.38
C LYS A 398 14.73 12.20 -18.27
N LYS A 399 15.86 12.79 -17.92
CA LYS A 399 17.08 12.68 -18.66
C LYS A 399 18.17 12.28 -17.68
N LYS A 400 19.18 11.64 -18.22
CA LYS A 400 20.40 11.36 -17.50
C LYS A 400 21.61 11.48 -18.41
N ALA A 401 22.76 11.55 -17.75
CA ALA A 401 24.05 11.39 -18.35
C ALA A 401 24.85 10.33 -17.56
N VAL A 402 25.94 9.82 -18.16
CA VAL A 402 26.88 8.93 -17.47
C VAL A 402 28.34 9.39 -17.46
N ILE A 403 29.14 8.82 -16.58
CA ILE A 403 30.59 8.96 -16.66
C ILE A 403 31.18 7.62 -17.18
N ASP A 404 32.09 7.70 -18.14
CA ASP A 404 32.70 6.50 -18.74
C ASP A 404 34.00 6.18 -17.98
N PHE A 405 33.95 5.17 -17.12
CA PHE A 405 35.05 4.82 -16.23
C PHE A 405 36.27 4.14 -16.94
N LYS A 406 36.02 3.29 -17.94
CA LYS A 406 37.09 2.67 -18.78
C LYS A 406 36.92 3.06 -20.26
N SER A 407 36.04 2.34 -20.99
CA SER A 407 35.84 2.43 -22.46
C SER A 407 34.48 1.79 -22.94
N ILE A 411 30.81 1.27 -23.03
CA ILE A 411 29.98 2.32 -22.38
C ILE A 411 28.67 1.81 -21.71
N TYR A 412 28.53 2.11 -20.41
CA TYR A 412 27.39 1.65 -19.64
C TYR A 412 26.43 2.79 -19.24
N ASP A 413 25.13 2.51 -19.39
CA ASP A 413 24.06 3.39 -19.03
C ASP A 413 23.74 3.46 -17.51
N ASN A 414 24.31 2.58 -16.69
CA ASN A 414 23.78 2.36 -15.34
C ASN A 414 24.82 2.11 -14.30
N ARG A 415 25.98 2.74 -14.46
CA ARG A 415 27.10 2.53 -13.52
C ARG A 415 27.38 3.74 -12.69
N ILE A 416 27.50 4.86 -13.38
CA ILE A 416 27.72 6.12 -12.76
C ILE A 416 26.79 7.04 -13.48
N VAL A 417 25.81 7.56 -12.75
CA VAL A 417 24.73 8.30 -13.36
C VAL A 417 24.62 9.69 -12.75
N LEU A 418 24.34 10.66 -13.61
CA LEU A 418 24.03 12.03 -13.18
C LEU A 418 22.60 12.38 -13.66
N ASN A 419 21.80 13.00 -12.78
CA ASN A 419 20.51 13.64 -13.10
C ASN A 419 20.47 15.05 -12.58
N GLY A 420 19.83 15.96 -13.29
CA GLY A 420 19.59 17.28 -12.72
C GLY A 420 18.79 18.19 -13.63
N ILE A 421 17.97 19.04 -13.03
CA ILE A 421 17.28 20.07 -13.81
C ILE A 421 18.28 20.87 -14.66
N ASP A 422 19.45 21.22 -14.11
CA ASP A 422 20.45 21.97 -14.85
C ASP A 422 21.60 21.14 -15.45
N LEU A 423 21.35 19.85 -15.70
CA LEU A 423 22.37 18.94 -16.24
C LEU A 423 22.83 19.39 -17.64
N LYS A 424 21.91 19.73 -18.54
CA LYS A 424 22.33 20.22 -19.89
C LYS A 424 23.40 21.34 -19.86
N ALA A 425 23.31 22.22 -18.87
CA ALA A 425 24.09 23.40 -18.83
C ALA A 425 25.44 23.05 -18.26
N PHE A 426 25.45 22.13 -17.29
CA PHE A 426 26.69 21.60 -16.70
C PHE A 426 27.51 20.90 -17.78
N LEU A 427 26.84 20.00 -18.50
CA LEU A 427 27.44 19.30 -19.62
C LEU A 427 28.07 20.25 -20.61
N ASP A 428 27.34 21.31 -20.98
CA ASP A 428 27.81 22.25 -21.99
C ASP A 428 28.98 23.04 -21.42
N SER A 429 29.20 23.00 -20.11
CA SER A 429 30.34 23.64 -19.49
C SER A 429 31.62 22.82 -19.62
N LEU A 430 31.50 21.58 -20.08
CA LEU A 430 32.63 20.63 -20.05
C LEU A 430 33.34 20.52 -21.39
N PRO A 431 34.69 20.43 -21.40
CA PRO A 431 35.45 20.39 -22.64
C PRO A 431 34.94 19.29 -23.60
N ASP A 432 35.11 18.04 -23.21
CA ASP A 432 34.77 16.95 -24.11
C ASP A 432 33.59 16.30 -23.50
N VAL A 433 32.51 16.17 -24.28
CA VAL A 433 31.33 15.40 -23.92
C VAL A 433 30.89 14.69 -25.17
N LYS A 434 30.70 13.38 -25.13
CA LYS A 434 30.17 12.65 -26.30
C LYS A 434 28.68 12.36 -26.13
N ILE A 435 27.90 12.58 -27.17
CA ILE A 435 26.51 12.17 -27.19
C ILE A 435 26.44 10.77 -27.76
N VAL A 436 25.61 9.91 -27.18
CA VAL A 436 25.35 8.59 -27.77
C VAL A 436 23.85 8.46 -28.08
N LYS A 437 23.51 8.17 -29.33
CA LYS A 437 22.12 7.95 -29.70
C LYS A 437 21.63 6.66 -29.07
N MET A 438 20.31 6.55 -28.95
CA MET A 438 19.65 5.49 -28.20
C MET A 438 18.83 4.65 -29.15
N LEU A 454 15.81 9.81 -26.84
CA LEU A 454 16.64 10.20 -28.00
C LEU A 454 18.18 10.06 -27.72
N ASN A 455 18.74 10.71 -26.69
CA ASN A 455 20.23 10.62 -26.46
C ASN A 455 20.82 10.66 -25.01
N MET A 456 22.02 10.11 -24.87
CA MET A 456 22.64 9.98 -23.57
C MET A 456 24.02 10.57 -23.63
N PRO A 457 24.25 11.68 -22.95
CA PRO A 457 25.59 12.25 -22.87
C PRO A 457 26.52 11.41 -22.04
N VAL A 458 27.77 11.38 -22.49
CA VAL A 458 28.83 10.66 -21.82
C VAL A 458 29.99 11.57 -21.52
N ILE A 459 30.30 11.65 -20.24
CA ILE A 459 31.41 12.43 -19.75
C ILE A 459 32.62 11.51 -19.68
N PRO A 460 33.63 11.77 -20.54
CA PRO A 460 34.79 10.91 -20.51
C PRO A 460 35.62 11.22 -19.28
N MET A 461 36.54 10.31 -18.99
CA MET A 461 37.32 10.32 -17.75
C MET A 461 38.35 11.50 -17.60
N ASN A 462 37.86 12.75 -17.56
CA ASN A 462 38.74 13.94 -17.45
C ASN A 462 39.13 14.13 -15.97
N THR A 463 39.82 15.24 -15.64
CA THR A 463 40.00 15.71 -14.25
C THR A 463 38.65 15.88 -13.53
N ILE A 464 37.69 16.43 -14.29
CA ILE A 464 36.30 16.65 -13.84
C ILE A 464 35.63 15.33 -13.42
N ALA A 465 35.71 14.34 -14.29
CA ALA A 465 35.22 13.01 -14.00
C ALA A 465 35.78 12.42 -12.71
N GLU A 466 37.06 12.70 -12.43
CA GLU A 466 37.77 12.12 -11.27
C GLU A 466 37.37 12.74 -9.94
N ALA A 467 37.27 14.07 -9.94
CA ALA A 467 36.71 14.85 -8.82
C ALA A 467 35.37 14.30 -8.28
N VAL A 468 34.50 13.89 -9.23
CA VAL A 468 33.17 13.34 -8.89
C VAL A 468 33.30 12.01 -8.19
N ILE A 469 34.02 11.11 -8.84
CA ILE A 469 34.15 9.74 -8.34
C ILE A 469 34.82 9.77 -6.98
N GLU A 470 35.64 10.79 -6.74
CA GLU A 470 36.29 10.91 -5.45
C GLU A 470 35.31 11.33 -4.40
N MET A 471 34.49 12.34 -4.67
CA MET A 471 33.44 12.72 -3.69
C MET A 471 32.65 11.48 -3.19
N ILE A 472 32.31 10.60 -4.12
CA ILE A 472 31.55 9.39 -3.83
C ILE A 472 32.36 8.49 -2.92
N ASN A 473 33.57 8.11 -3.39
CA ASN A 473 34.45 7.17 -2.63
C ASN A 473 34.79 7.72 -1.27
N ARG A 474 34.93 9.04 -1.18
CA ARG A 474 35.20 9.63 0.12
C ARG A 474 33.96 9.78 1.03
N GLY A 475 32.75 9.42 0.57
CA GLY A 475 31.49 9.73 1.31
C GLY A 475 31.25 11.22 1.54
N GLN A 476 31.69 12.09 0.62
CA GLN A 476 31.43 13.56 0.75
C GLN A 476 29.98 13.96 0.31
N ILE A 477 29.47 15.04 0.86
CA ILE A 477 28.10 15.44 0.70
C ILE A 477 27.87 16.04 -0.68
N GLN A 478 28.76 16.93 -1.07
CA GLN A 478 28.69 17.68 -2.31
C GLN A 478 30.05 18.34 -2.68
N ILE A 479 30.21 18.66 -3.95
CA ILE A 479 31.29 19.52 -4.39
C ILE A 479 30.72 20.47 -5.45
N THR A 480 31.55 21.42 -5.89
CA THR A 480 31.23 22.39 -6.95
C THR A 480 32.17 22.29 -8.17
N ILE A 481 31.60 22.09 -9.35
CA ILE A 481 32.38 22.09 -10.58
C ILE A 481 31.86 23.12 -11.59
N ASN A 482 32.71 24.06 -11.98
CA ASN A 482 32.32 25.16 -12.85
C ASN A 482 31.09 25.95 -12.32
N GLY A 483 30.98 26.14 -11.02
CA GLY A 483 29.83 26.89 -10.46
C GLY A 483 28.55 26.06 -10.16
N PHE A 484 28.42 24.87 -10.77
CA PHE A 484 27.32 23.92 -10.56
C PHE A 484 27.50 23.12 -9.30
N SER A 485 26.39 22.85 -8.62
CA SER A 485 26.38 22.06 -7.38
C SER A 485 26.19 20.63 -7.76
N ILE A 486 27.11 19.77 -7.28
CA ILE A 486 27.12 18.37 -7.62
C ILE A 486 27.01 17.65 -6.33
N SER A 487 25.90 16.90 -6.17
CA SER A 487 25.51 16.30 -4.92
C SER A 487 25.66 14.79 -4.93
N ASN A 488 26.06 14.25 -3.79
CA ASN A 488 26.13 12.83 -3.54
C ASN A 488 24.68 12.31 -3.37
N GLY A 489 24.24 11.40 -4.21
CA GLY A 489 22.86 10.84 -4.12
C GLY A 489 22.60 10.19 -2.78
N LEU A 490 23.64 9.89 -1.96
CA LEU A 490 23.40 9.32 -0.62
C LEU A 490 23.04 10.33 0.49
N ALA A 491 23.20 11.61 0.16
CA ALA A 491 23.14 12.66 1.13
C ALA A 491 22.01 13.63 0.91
N THR A 492 21.00 13.28 0.12
CA THR A 492 19.88 14.21 -0.15
C THR A 492 19.13 14.75 1.14
N THR A 493 18.97 13.94 2.18
CA THR A 493 18.27 14.47 3.39
C THR A 493 19.07 15.58 4.06
N GLN A 494 20.40 15.59 3.90
CA GLN A 494 21.25 16.67 4.45
C GLN A 494 21.29 17.95 3.60
N ILE A 495 21.01 17.82 2.30
CA ILE A 495 21.06 18.93 1.39
C ILE A 495 19.67 19.57 1.30
N ASN A 496 18.61 18.76 1.23
CA ASN A 496 17.26 19.27 1.10
C ASN A 496 16.26 18.14 1.36
N ASN A 497 15.73 18.11 2.58
CA ASN A 497 14.96 16.99 3.05
C ASN A 497 13.60 16.91 2.32
N LYS A 498 13.10 18.03 1.87
CA LYS A 498 11.92 18.09 0.99
C LYS A 498 12.16 17.55 -0.45
N ALA A 499 13.37 17.70 -0.98
CA ALA A 499 13.67 17.02 -2.21
C ALA A 499 13.81 15.48 -2.01
N ALA A 500 14.29 15.03 -0.85
CA ALA A 500 14.37 13.58 -0.60
C ALA A 500 13.01 12.91 -0.49
N THR A 501 12.01 13.63 0.00
CA THR A 501 10.71 13.03 0.16
C THR A 501 9.89 13.06 -1.09
N GLY A 502 10.40 13.77 -2.10
CA GLY A 502 9.67 14.06 -3.32
C GLY A 502 8.72 15.25 -3.16
N GLU A 503 8.78 16.02 -2.07
CA GLU A 503 7.97 17.19 -1.94
C GLU A 503 8.45 18.39 -2.74
N GLU A 504 9.79 18.53 -2.91
CA GLU A 504 10.38 19.50 -3.82
C GLU A 504 11.20 18.75 -4.92
N VAL A 505 11.33 19.37 -6.08
CA VAL A 505 12.18 18.85 -7.12
C VAL A 505 13.62 19.28 -6.76
N PRO A 506 14.56 18.35 -6.79
CA PRO A 506 15.93 18.73 -6.41
C PRO A 506 16.45 19.84 -7.22
N ARG A 507 17.11 20.77 -6.56
CA ARG A 507 17.66 21.94 -7.25
C ARG A 507 19.16 21.81 -7.54
N THR A 508 19.76 20.66 -7.23
CA THR A 508 21.17 20.38 -7.60
C THR A 508 21.31 19.26 -8.59
N ILE A 509 22.54 19.06 -9.10
CA ILE A 509 22.80 17.91 -9.96
C ILE A 509 23.23 16.78 -9.08
N ILE A 510 22.60 15.60 -9.24
CA ILE A 510 22.83 14.47 -8.35
C ILE A 510 23.56 13.32 -9.06
N VAL A 511 24.43 12.66 -8.29
CA VAL A 511 25.26 11.57 -8.77
C VAL A 511 24.83 10.36 -8.01
N THR A 512 24.75 9.27 -8.72
CA THR A 512 24.23 8.02 -8.30
C THR A 512 25.17 6.93 -8.90
N THR A 513 25.60 5.95 -8.12
CA THR A 513 26.51 4.93 -8.68
C THR A 513 26.31 3.59 -8.03
N ARG A 514 26.65 2.57 -8.78
CA ARG A 514 26.67 1.20 -8.27
C ARG A 514 27.60 1.04 -7.08
N SER A 515 28.73 1.74 -7.11
CA SER A 515 29.66 1.77 -6.01
C SER A 515 28.94 2.10 -4.69
N GLN A 516 28.05 3.12 -4.65
CA GLN A 516 27.33 3.53 -3.42
C GLN A 516 26.53 2.43 -2.77
N TYR A 517 26.14 1.40 -3.51
CA TYR A 517 25.23 0.37 -3.02
C TYR A 517 25.95 -0.99 -3.04
N GLY A 518 27.27 -0.97 -3.15
CA GLY A 518 28.09 -2.18 -3.22
C GLY A 518 27.73 -3.16 -4.31
N LEU A 519 27.26 -2.64 -5.43
CA LEU A 519 26.92 -3.42 -6.61
C LEU A 519 28.16 -3.54 -7.52
N PRO A 520 28.28 -4.68 -8.21
CA PRO A 520 29.44 -4.89 -9.08
C PRO A 520 29.39 -3.96 -10.30
N GLU A 521 30.49 -3.27 -10.61
CA GLU A 521 30.55 -2.46 -11.84
C GLU A 521 30.50 -3.29 -13.13
N ASP A 522 30.58 -4.62 -13.05
CA ASP A 522 30.88 -5.45 -14.23
C ASP A 522 29.92 -6.60 -14.42
N ALA A 523 28.72 -6.53 -13.81
CA ALA A 523 27.76 -7.63 -13.92
C ALA A 523 26.34 -7.11 -14.05
N ILE A 524 25.44 -8.03 -14.33
CA ILE A 524 24.02 -7.74 -14.40
C ILE A 524 23.45 -7.56 -12.96
N VAL A 525 22.62 -6.54 -12.80
CA VAL A 525 21.92 -6.27 -11.53
C VAL A 525 20.44 -6.51 -11.79
N TYR A 526 19.89 -7.58 -11.23
CA TYR A 526 18.45 -7.75 -11.18
C TYR A 526 17.98 -7.07 -9.85
N CYS A 527 16.81 -6.43 -9.84
CA CYS A 527 16.30 -5.79 -8.65
C CYS A 527 14.90 -6.15 -8.29
N ASN A 528 14.61 -6.08 -6.98
CA ASN A 528 13.25 -5.90 -6.53
C ASN A 528 13.20 -5.11 -5.24
N PHE A 529 12.46 -4.00 -5.27
CA PHE A 529 12.45 -3.01 -4.18
C PHE A 529 11.20 -3.01 -3.28
N ASN A 530 10.41 -4.10 -3.34
CA ASN A 530 9.23 -4.27 -2.61
C ASN A 530 9.54 -4.69 -1.17
N GLN A 531 8.53 -4.48 -0.31
CA GLN A 531 8.54 -5.07 1.00
C GLN A 531 8.68 -6.58 0.80
N LEU A 532 9.49 -7.23 1.65
CA LEU A 532 9.87 -8.62 1.47
C LEU A 532 8.73 -9.63 1.53
N TYR A 533 7.59 -9.21 2.05
CA TYR A 533 6.43 -10.10 2.25
C TYR A 533 5.84 -10.58 0.95
N LYS A 534 6.08 -9.81 -0.12
CA LYS A 534 5.52 -10.17 -1.43
C LYS A 534 6.26 -11.38 -2.06
N ILE A 535 7.43 -11.72 -1.52
CA ILE A 535 8.20 -12.87 -1.89
C ILE A 535 7.73 -14.11 -1.17
N ASP A 536 7.72 -15.23 -1.92
CA ASP A 536 7.32 -16.56 -1.40
C ASP A 536 8.33 -17.63 -1.90
N PRO A 537 8.30 -18.88 -1.37
CA PRO A 537 9.26 -19.91 -1.77
C PRO A 537 9.43 -20.08 -3.30
N SER A 538 8.33 -20.19 -4.03
CA SER A 538 8.33 -20.32 -5.50
C SER A 538 9.08 -19.20 -6.15
N THR A 539 8.65 -17.98 -5.84
CA THR A 539 9.30 -16.79 -6.35
C THR A 539 10.82 -16.77 -6.10
N LEU A 540 11.28 -16.96 -4.88
CA LEU A 540 12.75 -16.94 -4.70
C LEU A 540 13.44 -18.11 -5.51
N GLN A 541 12.71 -19.20 -5.75
CA GLN A 541 13.25 -20.37 -6.51
C GLN A 541 13.54 -19.93 -7.96
N MET A 542 12.54 -19.31 -8.58
CA MET A 542 12.71 -18.65 -9.88
C MET A 542 13.86 -17.67 -9.95
N TRP A 543 13.98 -16.81 -8.94
CA TRP A 543 15.12 -15.90 -8.89
C TRP A 543 16.49 -16.58 -8.83
N ALA A 544 16.51 -17.69 -8.10
CA ALA A 544 17.72 -18.48 -7.94
C ALA A 544 18.10 -19.12 -9.28
N ASN A 545 17.11 -19.74 -9.93
CA ASN A 545 17.19 -20.34 -11.24
C ASN A 545 17.80 -19.37 -12.28
N ILE A 546 17.38 -18.10 -12.22
CA ILE A 546 17.81 -17.01 -13.11
C ILE A 546 19.26 -16.66 -12.81
N LEU A 547 19.56 -16.44 -11.54
CA LEU A 547 20.92 -16.07 -11.19
C LEU A 547 21.93 -17.19 -11.46
N LYS A 548 21.53 -18.46 -11.34
CA LYS A 548 22.47 -19.57 -11.60
C LYS A 548 22.83 -19.58 -13.10
N ARG A 549 21.81 -19.39 -13.95
CA ARG A 549 21.96 -19.24 -15.42
C ARG A 549 22.77 -18.04 -15.94
N VAL A 550 23.00 -17.04 -15.09
CA VAL A 550 23.68 -15.82 -15.50
C VAL A 550 24.79 -15.62 -14.52
N PRO A 551 25.93 -16.25 -14.75
CA PRO A 551 27.00 -16.10 -13.75
C PRO A 551 27.35 -14.63 -13.56
N ASN A 552 28.13 -14.30 -12.55
CA ASN A 552 28.43 -12.88 -12.23
C ASN A 552 27.26 -12.10 -11.54
N SER A 553 26.02 -12.28 -12.05
CA SER A 553 24.98 -11.37 -11.80
C SER A 553 24.59 -11.41 -10.34
N VAL A 554 23.96 -10.33 -9.86
CA VAL A 554 23.46 -10.29 -8.47
C VAL A 554 21.98 -9.90 -8.41
N LEU A 555 21.35 -10.16 -7.28
CA LEU A 555 19.97 -9.77 -7.04
C LEU A 555 19.96 -8.72 -5.91
N TRP A 556 19.30 -7.58 -6.19
CA TRP A 556 19.43 -6.39 -5.38
C TRP A 556 18.10 -6.23 -4.72
N LEU A 557 18.06 -6.51 -3.40
CA LEU A 557 16.86 -6.42 -2.55
C LEU A 557 17.06 -5.39 -1.44
N LEU A 558 15.96 -5.04 -0.80
CA LEU A 558 15.97 -4.13 0.38
C LEU A 558 15.75 -4.78 1.72
N ARG A 559 16.36 -4.14 2.69
CA ARG A 559 16.13 -4.48 4.11
C ARG A 559 14.78 -3.96 4.54
N PHE A 560 13.72 -4.75 4.28
CA PHE A 560 12.33 -4.24 4.28
C PHE A 560 11.39 -5.31 4.78
N PRO A 561 11.57 -5.76 6.02
CA PRO A 561 12.58 -5.25 6.95
C PRO A 561 13.88 -5.99 6.94
N ALA A 562 14.90 -5.38 7.57
CA ALA A 562 16.25 -5.96 7.67
C ALA A 562 16.34 -7.41 8.26
N VAL A 563 15.53 -7.69 9.26
CA VAL A 563 15.52 -9.01 9.85
C VAL A 563 15.01 -10.12 8.93
N GLY A 564 14.42 -9.80 7.78
CA GLY A 564 14.16 -10.82 6.76
C GLY A 564 15.40 -11.23 5.95
N GLU A 565 16.54 -10.52 6.06
CA GLU A 565 17.67 -10.80 5.18
C GLU A 565 18.27 -12.24 5.39
N PRO A 566 18.45 -12.67 6.64
CA PRO A 566 19.06 -14.00 6.74
C PRO A 566 18.14 -15.11 6.26
N ASN A 567 16.85 -14.97 6.49
CA ASN A 567 15.94 -15.97 5.93
C ASN A 567 16.11 -16.11 4.40
N ILE A 568 16.09 -14.98 3.68
CA ILE A 568 16.24 -14.97 2.22
C ILE A 568 17.62 -15.55 1.85
N GLN A 569 18.71 -15.10 2.50
CA GLN A 569 20.03 -15.58 2.16
C GLN A 569 20.09 -17.09 2.36
N GLN A 570 19.55 -17.61 3.46
CA GLN A 570 19.61 -19.04 3.74
C GLN A 570 18.79 -19.85 2.76
N TYR A 571 17.56 -19.46 2.44
CA TYR A 571 16.77 -20.27 1.52
C TYR A 571 17.36 -20.27 0.10
N ALA A 572 18.02 -19.18 -0.28
CA ALA A 572 18.75 -19.15 -1.53
C ALA A 572 20.05 -20.04 -1.44
N GLN A 573 20.81 -20.08 -0.33
CA GLN A 573 21.96 -21.05 -0.27
C GLN A 573 21.43 -22.47 -0.59
N ASN A 574 20.44 -22.90 0.18
CA ASN A 574 19.72 -24.18 -0.07
C ASN A 574 19.28 -24.42 -1.52
N MET A 575 18.94 -23.38 -2.26
CA MET A 575 18.54 -23.52 -3.67
C MET A 575 19.70 -23.65 -4.72
N GLY A 576 20.96 -23.46 -4.30
CA GLY A 576 22.12 -23.45 -5.20
C GLY A 576 23.09 -22.27 -5.11
N LEU A 577 22.60 -21.12 -4.67
CA LEU A 577 23.33 -19.87 -4.81
C LEU A 577 24.44 -19.69 -3.80
N PRO A 578 25.67 -19.35 -4.24
CA PRO A 578 26.68 -18.84 -3.27
C PRO A 578 26.23 -17.51 -2.62
N GLN A 579 26.91 -17.00 -1.59
CA GLN A 579 26.30 -15.87 -0.75
C GLN A 579 26.34 -14.47 -1.37
N ASN A 580 27.55 -14.05 -1.73
CA ASN A 580 27.81 -12.84 -2.52
C ASN A 580 26.84 -12.49 -3.67
N ARG A 581 25.85 -13.36 -3.99
CA ARG A 581 24.93 -13.15 -5.09
C ARG A 581 23.69 -12.29 -4.76
N ILE A 582 23.38 -12.08 -3.49
CA ILE A 582 22.24 -11.24 -3.16
C ILE A 582 22.70 -10.11 -2.29
N ILE A 583 22.46 -8.87 -2.75
CA ILE A 583 22.92 -7.67 -2.07
C ILE A 583 21.73 -6.86 -1.56
N PHE A 584 21.73 -6.59 -0.26
CA PHE A 584 20.69 -5.84 0.43
C PHE A 584 21.14 -4.38 0.63
N SER A 585 20.25 -3.49 0.29
CA SER A 585 20.42 -2.08 0.67
C SER A 585 19.31 -1.66 1.67
N PRO A 586 19.54 -0.60 2.42
CA PRO A 586 18.48 -0.02 3.25
C PRO A 586 17.34 0.56 2.42
N VAL A 587 16.19 0.64 3.05
CA VAL A 587 15.11 1.47 2.52
C VAL A 587 15.61 2.89 2.44
N ALA A 588 15.32 3.60 1.35
CA ALA A 588 15.82 4.97 1.16
C ALA A 588 14.71 5.98 1.18
N PRO A 589 15.02 7.26 1.37
CA PRO A 589 13.99 8.30 1.06
C PRO A 589 13.43 8.12 -0.32
N LYS A 590 12.19 8.54 -0.51
CA LYS A 590 11.45 8.38 -1.78
C LYS A 590 12.25 8.73 -3.07
N GLU A 591 12.81 9.91 -3.15
CA GLU A 591 13.52 10.30 -4.38
C GLU A 591 14.77 9.44 -4.63
N GLU A 592 15.46 8.99 -3.57
CA GLU A 592 16.67 8.18 -3.77
C GLU A 592 16.26 6.80 -4.30
N HIS A 593 15.28 6.22 -3.64
CA HIS A 593 14.61 4.99 -4.16
C HIS A 593 14.32 5.02 -5.65
N VAL A 594 13.73 6.10 -6.13
CA VAL A 594 13.37 6.13 -7.58
C VAL A 594 14.64 6.38 -8.39
N ARG A 595 15.47 7.33 -7.96
CA ARG A 595 16.76 7.60 -8.63
C ARG A 595 17.63 6.34 -8.75
N ARG A 596 17.77 5.56 -7.69
CA ARG A 596 18.68 4.40 -7.71
C ARG A 596 18.24 3.24 -8.56
N GLY A 597 16.95 3.17 -8.95
CA GLY A 597 16.50 2.11 -9.84
C GLY A 597 17.22 2.21 -11.20
N GLN A 598 17.66 3.41 -11.56
CA GLN A 598 18.54 3.61 -12.70
C GLN A 598 19.82 2.70 -12.72
N LEU A 599 20.28 2.17 -11.57
CA LEU A 599 21.58 1.46 -11.51
C LEU A 599 21.44 -0.03 -11.80
N ALA A 600 20.19 -0.47 -11.78
CA ALA A 600 19.83 -1.79 -12.13
C ALA A 600 19.77 -1.93 -13.64
N ASP A 601 19.95 -3.16 -14.12
CA ASP A 601 19.61 -3.57 -15.47
C ASP A 601 18.13 -3.96 -15.62
N VAL A 602 17.62 -4.76 -14.71
CA VAL A 602 16.29 -5.42 -14.87
C VAL A 602 15.64 -5.51 -13.48
N CYS A 603 14.32 -5.51 -13.45
CA CYS A 603 13.56 -5.71 -12.27
C CYS A 603 12.78 -6.98 -12.42
N LEU A 604 12.84 -7.82 -11.38
CA LEU A 604 12.09 -9.03 -11.32
C LEU A 604 10.92 -8.77 -10.37
N ASP A 605 9.71 -8.76 -10.91
CA ASP A 605 8.50 -8.45 -10.20
C ASP A 605 8.09 -9.68 -9.45
N THR A 606 7.52 -9.48 -8.25
CA THR A 606 6.99 -10.50 -7.40
C THR A 606 5.62 -10.97 -7.96
N PRO A 607 5.48 -12.27 -8.25
CA PRO A 607 4.18 -12.69 -8.85
C PRO A 607 3.08 -12.85 -7.86
N LEU A 608 3.41 -13.20 -6.62
CA LEU A 608 2.39 -13.39 -5.59
C LEU A 608 1.59 -12.11 -5.41
N CYS A 609 2.33 -11.00 -5.23
CA CYS A 609 1.75 -9.64 -5.28
C CYS A 609 2.74 -8.71 -5.98
N ASN A 610 2.31 -8.00 -7.03
CA ASN A 610 3.28 -7.29 -7.84
C ASN A 610 3.70 -5.99 -7.14
N GLY A 611 4.82 -5.42 -7.58
CA GLY A 611 5.06 -4.02 -7.33
C GLY A 611 3.94 -3.22 -7.96
N HIS A 612 3.29 -2.38 -7.19
CA HIS A 612 2.22 -1.54 -7.69
C HIS A 612 2.86 -0.19 -7.78
N THR A 613 2.80 0.64 -6.73
CA THR A 613 3.59 1.86 -6.70
C THR A 613 5.10 1.65 -7.01
N THR A 614 5.60 0.55 -6.53
CA THR A 614 6.95 0.13 -6.75
C THR A 614 7.27 -0.21 -8.21
N GLY A 615 6.26 -0.68 -8.95
CA GLY A 615 6.37 -0.91 -10.35
C GLY A 615 6.46 0.35 -11.17
N MET A 616 5.67 1.37 -10.81
CA MET A 616 5.78 2.64 -11.48
C MET A 616 7.20 3.22 -11.21
N ASP A 617 7.63 3.12 -9.97
CA ASP A 617 8.94 3.66 -9.58
C ASP A 617 10.08 3.16 -10.50
N VAL A 618 10.13 1.87 -10.72
CA VAL A 618 11.22 1.22 -11.43
C VAL A 618 11.18 1.55 -12.92
N LEU A 619 9.98 1.56 -13.49
CA LEU A 619 9.77 1.99 -14.84
C LEU A 619 10.12 3.46 -15.11
N TRP A 620 9.90 4.34 -14.16
CA TRP A 620 10.29 5.74 -14.33
C TRP A 620 11.81 5.90 -14.40
N ALA A 621 12.57 4.96 -13.81
CA ALA A 621 14.04 4.93 -13.98
C ALA A 621 14.50 4.37 -15.35
N GLY A 622 13.57 3.82 -16.13
CA GLY A 622 13.92 3.25 -17.43
C GLY A 622 14.25 1.77 -17.31
N THR A 623 13.94 1.20 -16.16
CA THR A 623 14.32 -0.16 -15.87
C THR A 623 13.19 -1.14 -16.24
N PRO A 624 13.42 -2.03 -17.21
CA PRO A 624 12.39 -2.99 -17.57
C PRO A 624 12.10 -3.94 -16.43
N MET A 625 10.86 -4.37 -16.38
CA MET A 625 10.37 -5.19 -15.32
C MET A 625 9.74 -6.41 -15.93
N VAL A 626 10.24 -7.58 -15.51
CA VAL A 626 9.71 -8.86 -15.93
C VAL A 626 8.65 -9.27 -14.95
N THR A 627 7.48 -9.72 -15.43
CA THR A 627 6.39 -10.10 -14.54
C THR A 627 5.62 -11.29 -15.04
N MET A 628 4.96 -11.98 -14.11
CA MET A 628 4.08 -13.10 -14.45
C MET A 628 2.69 -12.86 -13.84
N PRO A 629 1.76 -12.28 -14.62
CA PRO A 629 0.44 -12.03 -14.04
C PRO A 629 -0.24 -13.29 -13.53
N GLY A 630 -0.94 -13.21 -12.38
CA GLY A 630 -1.60 -14.36 -11.72
C GLY A 630 -3.09 -14.17 -11.95
N GLU A 631 -3.94 -14.49 -10.96
CA GLU A 631 -5.40 -14.35 -11.08
C GLU A 631 -5.91 -13.08 -10.41
N THR A 632 -5.44 -12.92 -9.16
CA THR A 632 -5.77 -11.77 -8.30
C THR A 632 -5.50 -10.43 -8.97
N LEU A 633 -6.31 -9.43 -8.63
CA LEU A 633 -6.00 -8.06 -9.01
C LEU A 633 -4.51 -7.74 -8.64
N ALA A 634 -4.14 -8.02 -7.41
CA ALA A 634 -2.77 -7.71 -6.93
C ALA A 634 -1.65 -8.37 -7.73
N SER A 635 -1.93 -9.50 -8.38
CA SER A 635 -0.84 -10.22 -9.12
C SER A 635 -0.80 -9.86 -10.59
N ARG A 636 -1.65 -8.92 -11.03
CA ARG A 636 -1.77 -8.54 -12.45
C ARG A 636 -1.50 -7.05 -12.73
N VAL A 637 -1.21 -6.28 -11.68
CA VAL A 637 -1.02 -4.85 -11.84
C VAL A 637 0.21 -4.57 -12.70
N ALA A 638 1.31 -5.26 -12.45
CA ALA A 638 2.52 -4.93 -13.20
C ALA A 638 2.35 -5.22 -14.73
N ALA A 639 1.64 -6.30 -15.05
CA ALA A 639 1.26 -6.65 -16.39
C ALA A 639 0.41 -5.56 -17.08
N SER A 640 -0.57 -5.01 -16.39
CA SER A 640 -1.27 -3.79 -16.89
C SER A 640 -0.35 -2.58 -17.13
N GLN A 641 0.65 -2.38 -16.27
CA GLN A 641 1.56 -1.24 -16.46
C GLN A 641 2.35 -1.43 -17.73
N LEU A 642 2.81 -2.65 -17.93
CA LEU A 642 3.73 -2.99 -19.02
C LEU A 642 2.93 -2.98 -20.32
N THR A 643 1.72 -3.56 -20.33
CA THR A 643 0.77 -3.37 -21.43
C THR A 643 0.58 -1.91 -21.84
N CYS A 644 0.21 -1.06 -20.88
CA CYS A 644 0.06 0.38 -21.16
C CYS A 644 1.31 0.99 -21.72
N LEU A 645 2.44 0.62 -21.10
CA LEU A 645 3.72 1.04 -21.59
C LEU A 645 4.10 0.48 -22.98
N GLY A 646 3.48 -0.65 -23.35
CA GLY A 646 3.67 -1.28 -24.66
C GLY A 646 4.87 -2.22 -24.69
N CYS A 647 5.16 -2.92 -23.59
CA CYS A 647 6.30 -3.86 -23.53
C CYS A 647 5.78 -5.24 -23.19
N LEU A 648 4.97 -5.78 -24.08
CA LEU A 648 4.33 -7.10 -23.89
C LEU A 648 5.36 -8.23 -23.77
N GLU A 649 6.55 -8.02 -24.33
CA GLU A 649 7.63 -9.00 -24.26
C GLU A 649 8.15 -9.26 -22.83
N LEU A 650 7.79 -8.38 -21.89
CA LEU A 650 8.21 -8.51 -20.48
C LEU A 650 7.19 -9.25 -19.63
N ILE A 651 6.05 -9.61 -20.20
CA ILE A 651 4.99 -10.33 -19.50
C ILE A 651 5.07 -11.83 -19.83
N ALA A 652 5.24 -12.66 -18.79
CA ALA A 652 5.34 -14.14 -18.87
C ALA A 652 4.01 -14.83 -18.56
N LYS A 653 3.69 -15.90 -19.30
CA LYS A 653 2.43 -16.66 -19.06
C LYS A 653 2.67 -17.85 -18.10
N ASN A 654 3.95 -18.12 -17.77
CA ASN A 654 4.32 -19.14 -16.79
C ASN A 654 5.78 -18.93 -16.34
N ARG A 655 6.24 -19.82 -15.46
CA ARG A 655 7.51 -19.62 -14.73
C ARG A 655 8.71 -19.79 -15.56
N GLN A 656 8.65 -20.75 -16.50
CA GLN A 656 9.74 -20.97 -17.43
C GLN A 656 9.90 -19.74 -18.33
N GLU A 657 8.79 -19.25 -18.83
CA GLU A 657 8.86 -18.01 -19.63
C GLU A 657 9.51 -16.80 -18.85
N TYR A 658 9.15 -16.60 -17.57
CA TYR A 658 9.74 -15.55 -16.72
C TYR A 658 11.27 -15.67 -16.61
N GLU A 659 11.75 -16.86 -16.29
CA GLU A 659 13.20 -17.09 -16.15
C GLU A 659 13.90 -16.87 -17.53
N ASP A 660 13.25 -17.34 -18.61
CA ASP A 660 13.87 -17.22 -19.99
C ASP A 660 13.92 -15.74 -20.38
N ILE A 661 12.82 -15.01 -20.14
CA ILE A 661 12.83 -13.55 -20.40
C ILE A 661 13.96 -12.91 -19.57
N ALA A 662 14.03 -13.22 -18.30
CA ALA A 662 14.99 -12.57 -17.42
C ALA A 662 16.41 -12.97 -17.76
N VAL A 663 16.62 -14.24 -18.08
CA VAL A 663 17.99 -14.69 -18.44
C VAL A 663 18.36 -14.15 -19.81
N LYS A 664 17.39 -14.15 -20.70
CA LYS A 664 17.62 -13.50 -21.97
C LYS A 664 18.06 -12.05 -21.74
N LEU A 665 17.41 -11.32 -20.79
CA LEU A 665 17.73 -9.90 -20.61
C LEU A 665 19.09 -9.72 -19.95
N GLY A 666 19.54 -10.70 -19.16
CA GLY A 666 20.89 -10.67 -18.61
C GLY A 666 22.04 -11.25 -19.42
N THR A 667 21.78 -11.82 -20.61
CA THR A 667 22.88 -12.41 -21.47
C THR A 667 22.98 -11.79 -22.88
N ASP A 668 21.82 -11.69 -23.56
CA ASP A 668 21.63 -10.92 -24.81
C ASP A 668 21.74 -9.40 -24.57
N LEU A 669 22.98 -8.89 -24.46
CA LEU A 669 23.19 -7.53 -24.07
C LEU A 669 22.59 -6.52 -25.04
N GLU A 670 22.50 -6.88 -26.33
CA GLU A 670 21.92 -5.99 -27.34
C GLU A 670 20.46 -5.96 -27.18
N TYR A 671 19.84 -7.09 -26.85
CA TYR A 671 18.38 -7.07 -26.66
C TYR A 671 18.04 -6.28 -25.37
N LEU A 672 18.99 -6.24 -24.45
CA LEU A 672 18.80 -5.52 -23.19
C LEU A 672 18.80 -4.03 -23.52
N LYS A 673 19.68 -3.62 -24.41
CA LYS A 673 19.85 -2.24 -24.80
C LYS A 673 18.60 -1.79 -25.55
N LYS A 674 18.11 -2.63 -26.42
CA LYS A 674 16.85 -2.36 -27.09
C LYS A 674 15.67 -2.26 -26.06
N VAL A 675 15.57 -3.20 -25.12
CA VAL A 675 14.39 -3.21 -24.25
C VAL A 675 14.34 -2.03 -23.29
N ARG A 676 15.52 -1.69 -22.77
CA ARG A 676 15.77 -0.52 -21.97
C ARG A 676 15.39 0.78 -22.69
N GLY A 677 15.94 0.97 -23.89
CA GLY A 677 15.59 2.05 -24.80
C GLY A 677 14.10 2.16 -24.95
N LYS A 678 13.40 1.05 -25.17
CA LYS A 678 11.93 1.13 -25.31
C LYS A 678 11.25 1.66 -24.01
N VAL A 679 11.66 1.13 -22.86
CA VAL A 679 11.08 1.57 -21.59
C VAL A 679 11.37 3.04 -21.36
N TRP A 680 12.64 3.45 -21.52
CA TRP A 680 13.07 4.80 -21.38
C TRP A 680 12.28 5.85 -22.19
N LYS A 681 12.05 5.55 -23.46
CA LYS A 681 11.23 6.41 -24.32
C LYS A 681 9.76 6.29 -23.96
N GLN A 682 9.26 5.05 -23.87
CA GLN A 682 7.81 4.82 -23.72
C GLN A 682 7.26 5.31 -22.34
N ARG A 683 8.13 5.57 -21.35
CA ARG A 683 7.64 6.17 -20.12
C ARG A 683 7.13 7.63 -20.32
N ILE A 684 7.59 8.27 -21.42
CA ILE A 684 7.12 9.59 -21.85
C ILE A 684 6.03 9.50 -22.98
N SER A 685 6.31 8.72 -24.06
CA SER A 685 5.37 8.52 -25.18
C SER A 685 4.07 7.77 -24.87
N SER A 686 4.14 6.77 -24.00
CA SER A 686 2.98 5.99 -23.65
C SER A 686 2.07 6.80 -22.70
N PRO A 687 0.87 6.31 -22.46
CA PRO A 687 0.05 6.96 -21.42
C PRO A 687 0.46 6.74 -19.94
N LEU A 688 1.42 5.86 -19.67
CA LEU A 688 1.59 5.36 -18.30
C LEU A 688 1.66 6.44 -17.21
N PHE A 689 2.51 7.43 -17.47
CA PHE A 689 2.80 8.53 -16.55
C PHE A 689 2.14 9.85 -16.98
N ASN A 690 1.07 9.78 -17.78
CA ASN A 690 0.45 10.96 -18.37
C ASN A 690 -0.78 11.25 -17.57
N THR A 691 -0.61 12.11 -16.57
CA THR A 691 -1.68 12.37 -15.62
C THR A 691 -2.84 13.11 -16.25
N LYS A 692 -2.57 13.96 -17.24
CA LYS A 692 -3.62 14.76 -17.86
C LYS A 692 -4.53 13.80 -18.66
N GLN A 693 -3.88 12.99 -19.51
CA GLN A 693 -4.56 11.98 -20.24
C GLN A 693 -5.33 11.06 -19.31
N TYR A 694 -4.67 10.44 -18.35
CA TYR A 694 -5.40 9.64 -17.34
C TYR A 694 -6.63 10.38 -16.80
N THR A 695 -6.44 11.62 -16.40
CA THR A 695 -7.56 12.33 -15.79
C THR A 695 -8.75 12.43 -16.79
N MET A 696 -8.47 12.75 -18.05
CA MET A 696 -9.48 12.94 -19.07
C MET A 696 -10.22 11.63 -19.33
N GLU A 697 -9.48 10.51 -19.35
CA GLU A 697 -10.08 9.18 -19.43
C GLU A 697 -10.92 8.78 -18.19
N LEU A 698 -10.40 9.07 -17.02
CA LEU A 698 -11.18 8.94 -15.80
C LEU A 698 -12.50 9.72 -15.91
N GLU A 699 -12.43 10.95 -16.45
CA GLU A 699 -13.62 11.75 -16.69
C GLU A 699 -14.69 11.05 -17.62
N ARG A 700 -14.29 10.55 -18.78
CA ARG A 700 -15.18 9.81 -19.66
C ARG A 700 -15.91 8.71 -18.88
N LEU A 701 -15.14 7.88 -18.19
CA LEU A 701 -15.68 6.79 -17.43
C LEU A 701 -16.63 7.25 -16.33
N TYR A 702 -16.33 8.35 -15.65
CA TYR A 702 -17.24 8.87 -14.65
C TYR A 702 -18.60 9.28 -15.25
N LEU A 703 -18.54 9.81 -16.48
CA LEU A 703 -19.70 10.27 -17.18
C LEU A 703 -20.45 9.06 -17.71
N GLN A 704 -19.75 8.06 -18.25
CA GLN A 704 -20.38 6.78 -18.59
C GLN A 704 -21.22 6.30 -17.39
N MET A 705 -20.59 6.21 -16.22
CA MET A 705 -21.25 5.77 -14.99
C MET A 705 -22.44 6.62 -14.61
N TRP A 706 -22.35 7.91 -14.88
CA TRP A 706 -23.45 8.82 -14.61
C TRP A 706 -24.64 8.67 -15.59
N GLU A 707 -24.37 8.52 -16.90
CA GLU A 707 -25.43 8.34 -17.90
C GLU A 707 -26.24 7.12 -17.51
N HIS A 708 -25.56 5.96 -17.50
CA HIS A 708 -26.18 4.67 -17.20
C HIS A 708 -27.02 4.73 -15.92
N TYR A 709 -26.78 5.67 -15.01
CA TYR A 709 -27.66 5.79 -13.83
C TYR A 709 -28.81 6.83 -13.96
N ALA A 710 -28.59 7.97 -14.61
CA ALA A 710 -29.64 9.00 -14.68
C ALA A 710 -30.85 8.49 -15.50
N ALA A 711 -30.54 7.73 -16.55
CA ALA A 711 -31.48 6.84 -17.25
C ALA A 711 -31.79 5.62 -16.38
N GLY A 712 -32.47 5.83 -15.26
CA GLY A 712 -32.58 4.88 -14.11
C GLY A 712 -32.20 3.41 -14.12
N ASN A 713 -31.14 3.01 -14.84
CA ASN A 713 -30.54 1.67 -14.66
C ASN A 713 -29.70 1.70 -13.39
N LYS A 714 -29.23 0.53 -12.98
CA LYS A 714 -28.36 0.43 -11.82
C LYS A 714 -26.99 -0.06 -12.30
N PRO A 715 -25.99 -0.06 -11.41
CA PRO A 715 -24.69 -0.51 -11.83
C PRO A 715 -24.68 -1.71 -12.79
N ASP A 716 -24.06 -1.55 -13.95
CA ASP A 716 -23.61 -2.70 -14.75
C ASP A 716 -22.17 -2.47 -15.29
N HIS A 717 -21.48 -3.58 -15.60
CA HIS A 717 -20.12 -3.55 -16.14
C HIS A 717 -19.95 -2.55 -17.28
N MET A 718 -18.84 -1.81 -17.27
CA MET A 718 -18.56 -0.84 -18.33
C MET A 718 -17.28 -1.25 -19.04
N ILE A 719 -17.40 -1.53 -20.33
CA ILE A 719 -16.27 -1.94 -21.18
C ILE A 719 -16.55 -1.54 -22.64
N ALA B 4 6.66 4.62 5.22
CA ALA B 4 5.47 5.28 4.51
C ALA B 4 4.92 4.37 3.38
N VAL B 5 3.90 3.53 3.71
CA VAL B 5 3.50 2.33 2.90
C VAL B 5 1.98 2.05 2.97
N SER B 6 1.43 1.21 2.07
CA SER B 6 -0.02 0.75 2.21
C SER B 6 -0.09 -0.42 3.20
N ARG B 7 -1.00 -0.34 4.17
CA ARG B 7 -1.04 -1.29 5.32
C ARG B 7 -2.49 -1.62 5.69
N ALA B 8 -2.76 -2.89 6.04
CA ALA B 8 -4.09 -3.36 6.48
C ALA B 8 -4.75 -2.49 7.58
N ALA B 9 -6.01 -2.12 7.38
#